data_8TPY
#
_entry.id   8TPY
#
_cell.length_a   74.461
_cell.length_b   93.420
_cell.length_c   129.320
_cell.angle_alpha   90.000
_cell.angle_beta   90.000
_cell.angle_gamma   90.000
#
_symmetry.space_group_name_H-M   'P 21 21 21'
#
loop_
_entity.id
_entity.type
_entity.pdbx_description
1 polymer 'Hypoxanthine-guanine phosphoribosyltransferase'
2 non-polymer '{3-[(2S,4R)-4-(2-amino-6-oxo-1,6-dihydro-9H-purin-9-yl)-2-(hydroxymethyl)pyrrolidin-1-yl]-3-oxopropyl}phosphonic acid'
3 non-polymer 'MAGNESIUM ION'
4 water water
#
_entity_poly.entity_id   1
_entity_poly.type   'polypeptide(L)'
_entity_poly.pdbx_seq_one_letter_code
;MATRSPGVVISDDEPGYDLDLFAIPNHYAEDLERVFIPHGLIMDRTERLARDVMKEMGGHHIVALCVLKGGYKFFADLLD
YIKALNRNSDRSIPMTVDFIRLKSYANDQSTGDIKVIGGDDLSTLTGKNVLIVEDIIDTGKTMQTLLSLVRQYNPKMVKV
ASLLVKRTPRSVGYKPDFVGFEIPDKFVVGYALDYNEYFRDLNHVAVISETGKAKYKA
;
_entity_poly.pdbx_strand_id   A,B,C,D
#
loop_
_chem_comp.id
_chem_comp.type
_chem_comp.name
_chem_comp.formula
JG6 non-polymer '{3-[(2S,4R)-4-(2-amino-6-oxo-1,6-dihydro-9H-purin-9-yl)-2-(hydroxymethyl)pyrrolidin-1-yl]-3-oxopropyl}phosphonic acid' 'C13 H19 N6 O6 P'
MG non-polymer 'MAGNESIUM ION' 'Mg 2'
#
# COMPACT_ATOMS: atom_id res chain seq x y z
N SER A 5 -0.51 26.74 10.10
CA SER A 5 0.41 26.66 8.96
C SER A 5 -0.37 26.64 7.64
N PRO A 6 0.21 27.23 6.61
CA PRO A 6 -0.41 27.21 5.27
C PRO A 6 -0.24 25.89 4.53
N GLY A 7 0.20 24.83 5.22
CA GLY A 7 0.48 23.56 4.56
C GLY A 7 1.86 23.53 3.95
N VAL A 8 2.05 22.61 3.02
CA VAL A 8 3.27 22.57 2.22
C VAL A 8 3.16 23.62 1.12
N VAL A 9 4.06 24.61 1.15
CA VAL A 9 4.00 25.71 0.21
C VAL A 9 4.86 25.37 -1.00
N ILE A 10 4.23 25.34 -2.17
CA ILE A 10 4.91 25.24 -3.45
C ILE A 10 5.02 26.64 -4.02
N SER A 11 6.24 27.17 -4.05
CA SER A 11 6.52 28.54 -4.45
C SER A 11 6.14 28.78 -5.92
N ASP A 12 5.91 30.06 -6.24
CA ASP A 12 5.68 30.49 -7.61
C ASP A 12 6.93 30.32 -8.47
N ASP A 13 8.12 30.38 -7.87
CA ASP A 13 9.36 30.16 -8.61
C ASP A 13 9.61 28.68 -8.88
N GLU A 14 8.98 27.79 -8.13
CA GLU A 14 9.24 26.35 -8.27
C GLU A 14 8.70 25.84 -9.59
N PRO A 15 9.52 25.16 -10.41
CA PRO A 15 9.05 24.71 -11.72
C PRO A 15 8.25 23.41 -11.69
N GLY A 16 8.12 22.76 -10.54
CA GLY A 16 7.63 21.40 -10.51
C GLY A 16 8.69 20.46 -11.07
N TYR A 17 8.31 19.18 -11.17
CA TYR A 17 9.22 18.14 -11.62
C TYR A 17 9.03 17.84 -13.10
N ASP A 18 10.14 17.62 -13.81
CA ASP A 18 10.06 17.15 -15.19
C ASP A 18 9.33 15.82 -15.25
N LEU A 19 8.46 15.67 -16.25
CA LEU A 19 7.63 14.48 -16.35
C LEU A 19 8.47 13.20 -16.46
N ASP A 20 9.72 13.31 -16.91
CA ASP A 20 10.57 12.15 -17.12
C ASP A 20 11.03 11.53 -15.80
N LEU A 21 10.89 12.25 -14.68
CA LEU A 21 11.33 11.74 -13.39
C LEU A 21 10.33 10.82 -12.71
N PHE A 22 9.08 10.74 -13.18
CA PHE A 22 8.09 9.90 -12.51
C PHE A 22 7.31 9.08 -13.53
N ALA A 23 6.62 8.06 -13.04
CA ALA A 23 5.78 7.23 -13.89
C ALA A 23 4.52 8.00 -14.25
N ILE A 24 4.32 8.21 -15.55
CA ILE A 24 3.20 8.98 -16.08
C ILE A 24 2.50 8.11 -17.11
N PRO A 25 1.16 8.00 -17.07
CA PRO A 25 0.46 7.25 -18.12
C PRO A 25 0.80 7.82 -19.49
N ASN A 26 0.99 6.92 -20.46
CA ASN A 26 1.50 7.33 -21.76
C ASN A 26 0.49 8.17 -22.53
N HIS A 27 -0.81 7.87 -22.40
CA HIS A 27 -1.82 8.63 -23.13
C HIS A 27 -1.93 10.08 -22.65
N TYR A 28 -1.31 10.44 -21.53
CA TYR A 28 -1.29 11.81 -21.06
C TYR A 28 0.06 12.49 -21.31
N ALA A 29 1.00 11.79 -21.93
CA ALA A 29 2.33 12.36 -22.20
C ALA A 29 2.26 13.79 -22.71
N GLU A 30 1.48 14.04 -23.76
CA GLU A 30 1.43 15.36 -24.36
C GLU A 30 0.43 16.29 -23.68
N ASP A 31 -0.29 15.82 -22.66
CA ASP A 31 -1.38 16.57 -22.06
C ASP A 31 -0.98 17.28 -20.77
N LEU A 32 0.27 17.18 -20.36
CA LEU A 32 0.74 17.75 -19.11
C LEU A 32 2.03 18.53 -19.35
N GLU A 33 2.31 19.46 -18.43
CA GLU A 33 3.53 20.26 -18.48
C GLU A 33 4.55 19.88 -17.43
N ARG A 34 4.13 19.81 -16.17
CA ARG A 34 5.03 19.45 -15.09
C ARG A 34 4.22 18.77 -14.00
N VAL A 35 4.93 18.10 -13.09
CA VAL A 35 4.33 17.45 -11.94
C VAL A 35 4.62 18.33 -10.74
N PHE A 36 3.56 18.77 -10.05
CA PHE A 36 3.76 19.54 -8.84
C PHE A 36 3.85 18.66 -7.61
N ILE A 37 3.00 17.63 -7.53
CA ILE A 37 2.92 16.80 -6.33
C ILE A 37 2.81 15.32 -6.71
N PRO A 38 3.90 14.55 -6.60
CA PRO A 38 3.78 13.09 -6.79
C PRO A 38 2.76 12.49 -5.84
N HIS A 39 2.10 11.42 -6.30
CA HIS A 39 1.07 10.77 -5.49
C HIS A 39 1.57 10.43 -4.09
N GLY A 40 2.78 9.89 -4.00
CA GLY A 40 3.28 9.46 -2.70
C GLY A 40 3.44 10.62 -1.73
N LEU A 41 3.86 11.78 -2.24
CA LEU A 41 3.99 12.96 -1.42
C LEU A 41 2.63 13.45 -0.93
N ILE A 42 1.60 13.31 -1.76
CA ILE A 42 0.24 13.60 -1.33
C ILE A 42 -0.11 12.74 -0.11
N MET A 43 0.18 11.44 -0.20
CA MET A 43 -0.16 10.51 0.88
C MET A 43 0.59 10.88 2.16
N ASP A 44 1.89 11.13 2.06
CA ASP A 44 2.64 11.47 3.27
C ASP A 44 2.06 12.71 3.94
N ARG A 45 1.70 13.72 3.15
CA ARG A 45 1.07 14.90 3.73
C ARG A 45 -0.31 14.56 4.28
N THR A 46 -1.12 13.83 3.52
CA THR A 46 -2.48 13.50 3.98
C THR A 46 -2.43 12.72 5.30
N GLU A 47 -1.43 11.86 5.46
CA GLU A 47 -1.26 11.14 6.72
C GLU A 47 -1.07 12.11 7.87
N ARG A 48 -0.22 13.12 7.68
CA ARG A 48 -0.05 14.14 8.70
C ARG A 48 -1.36 14.89 8.95
N LEU A 49 -2.11 15.20 7.89
CA LEU A 49 -3.38 15.91 8.10
C LEU A 49 -4.34 15.09 8.96
N ALA A 50 -4.39 13.77 8.73
CA ALA A 50 -5.26 12.92 9.54
C ALA A 50 -4.89 13.01 11.02
N ARG A 51 -3.60 13.12 11.32
CA ARG A 51 -3.15 13.24 12.71
C ARG A 51 -3.51 14.61 13.28
N ASP A 52 -3.33 15.68 12.49
CA ASP A 52 -3.77 16.99 12.94
C ASP A 52 -5.28 17.01 13.19
N VAL A 53 -6.06 16.40 12.30
CA VAL A 53 -7.50 16.35 12.49
C VAL A 53 -7.84 15.67 13.82
N MET A 54 -7.36 14.43 13.99
CA MET A 54 -7.73 13.64 15.17
C MET A 54 -7.32 14.32 16.47
N LYS A 55 -6.11 14.89 16.52
CA LYS A 55 -5.64 15.56 17.72
C LYS A 55 -6.56 16.71 18.11
N GLU A 56 -7.09 17.41 17.11
CA GLU A 56 -7.86 18.62 17.34
C GLU A 56 -9.33 18.34 17.59
N MET A 57 -9.96 17.48 16.77
CA MET A 57 -11.39 17.23 16.87
C MET A 57 -11.74 15.76 16.90
N GLY A 58 -10.78 14.85 16.81
CA GLY A 58 -11.07 13.44 16.78
C GLY A 58 -11.19 12.79 18.15
N GLY A 59 -11.17 13.56 19.22
CA GLY A 59 -11.36 12.96 20.53
C GLY A 59 -12.69 12.23 20.63
N HIS A 60 -13.70 12.77 19.96
CA HIS A 60 -15.05 12.23 20.04
C HIS A 60 -15.61 11.88 18.67
N HIS A 61 -16.93 11.98 18.53
CA HIS A 61 -17.63 11.63 17.30
C HIS A 61 -17.57 12.80 16.31
N ILE A 62 -17.10 12.53 15.08
CA ILE A 62 -17.03 13.55 14.05
C ILE A 62 -17.94 13.16 12.90
N VAL A 63 -18.50 14.17 12.24
CA VAL A 63 -19.20 14.00 10.97
C VAL A 63 -18.26 14.49 9.87
N ALA A 64 -17.91 13.58 8.96
CA ALA A 64 -17.03 13.90 7.83
C ALA A 64 -17.89 14.12 6.59
N LEU A 65 -17.88 15.36 6.10
CA LEU A 65 -18.64 15.76 4.91
C LEU A 65 -17.68 15.92 3.74
N CYS A 66 -17.84 15.08 2.72
CA CYS A 66 -17.18 15.29 1.44
C CYS A 66 -18.05 16.19 0.58
N VAL A 67 -17.44 17.20 -0.03
CA VAL A 67 -18.15 18.07 -0.95
C VAL A 67 -18.12 17.45 -2.34
N LEU A 68 -19.30 17.19 -2.89
CA LEU A 68 -19.44 16.78 -4.28
C LEU A 68 -19.76 18.00 -5.14
N LYS A 69 -19.40 17.92 -6.42
CA LYS A 69 -18.71 16.79 -7.04
C LYS A 69 -17.23 17.09 -7.18
N GLY A 70 -16.52 17.00 -6.06
CA GLY A 70 -15.10 17.32 -6.03
C GLY A 70 -14.19 16.10 -5.99
N GLY A 71 -13.37 16.02 -4.94
CA GLY A 71 -12.36 14.98 -4.83
C GLY A 71 -12.63 13.92 -3.79
N TYR A 72 -13.48 12.96 -4.14
CA TYR A 72 -13.76 11.81 -3.28
C TYR A 72 -12.51 10.98 -3.04
N LYS A 73 -11.58 10.97 -4.00
CA LYS A 73 -10.32 10.27 -3.79
C LYS A 73 -9.61 10.78 -2.55
N PHE A 74 -9.49 12.10 -2.41
CA PHE A 74 -8.84 12.65 -1.22
C PHE A 74 -9.63 12.35 0.04
N PHE A 75 -10.95 12.51 -0.02
CA PHE A 75 -11.81 12.15 1.09
C PHE A 75 -11.59 10.70 1.51
N ALA A 76 -11.60 9.78 0.55
CA ALA A 76 -11.40 8.37 0.88
C ALA A 76 -10.05 8.14 1.54
N ASP A 77 -9.00 8.82 1.05
CA ASP A 77 -7.66 8.58 1.58
C ASP A 77 -7.49 9.20 2.96
N LEU A 78 -7.95 10.44 3.16
CA LEU A 78 -7.88 11.06 4.48
C LEU A 78 -8.61 10.20 5.51
N LEU A 79 -9.73 9.61 5.11
CA LEU A 79 -10.48 8.76 6.01
C LEU A 79 -9.81 7.40 6.20
N ASP A 80 -9.12 6.86 5.18
CA ASP A 80 -8.35 5.65 5.45
C ASP A 80 -7.33 5.88 6.55
N TYR A 81 -6.70 7.07 6.57
CA TYR A 81 -5.69 7.38 7.58
C TYR A 81 -6.32 7.62 8.94
N ILE A 82 -7.45 8.33 8.95
CA ILE A 82 -8.20 8.52 10.20
C ILE A 82 -8.55 7.17 10.81
N LYS A 83 -9.15 6.28 10.01
CA LYS A 83 -9.50 4.94 10.52
C LYS A 83 -8.27 4.22 11.05
N ALA A 84 -7.14 4.32 10.35
CA ALA A 84 -5.92 3.67 10.84
C ALA A 84 -5.53 4.21 12.21
N LEU A 85 -5.76 5.51 12.44
CA LEU A 85 -5.47 6.09 13.75
C LEU A 85 -6.43 5.56 14.81
N ASN A 86 -7.73 5.74 14.59
CA ASN A 86 -8.72 5.17 15.52
C ASN A 86 -8.45 3.70 15.80
N ARG A 87 -7.94 2.97 14.82
CA ARG A 87 -7.75 1.53 14.96
C ARG A 87 -6.75 1.18 16.06
N ASN A 88 -5.97 2.15 16.53
CA ASN A 88 -4.98 1.96 17.59
C ASN A 88 -5.27 2.80 18.82
N SER A 89 -6.44 3.47 18.88
CA SER A 89 -6.73 4.44 19.94
C SER A 89 -7.23 3.82 21.23
N ASP A 90 -7.49 2.51 21.26
CA ASP A 90 -8.03 1.87 22.44
C ASP A 90 -9.42 2.38 22.80
N ARG A 91 -10.14 2.93 21.83
CA ARG A 91 -11.51 3.39 22.06
CA ARG A 91 -11.51 3.37 22.06
C ARG A 91 -12.31 3.18 20.79
N SER A 92 -13.57 2.79 20.94
CA SER A 92 -14.46 2.65 19.80
C SER A 92 -14.99 4.03 19.46
N ILE A 93 -14.38 4.67 18.46
CA ILE A 93 -14.74 6.03 18.08
C ILE A 93 -15.78 5.93 16.93
N PRO A 94 -17.02 6.35 17.16
CA PRO A 94 -18.00 6.36 16.05
C PRO A 94 -17.76 7.53 15.13
N MET A 95 -18.05 7.32 13.85
CA MET A 95 -17.87 8.36 12.84
C MET A 95 -18.99 8.30 11.83
N THR A 96 -19.45 9.48 11.43
CA THR A 96 -20.44 9.64 10.37
C THR A 96 -19.74 10.12 9.11
N VAL A 97 -19.97 9.43 8.00
CA VAL A 97 -19.43 9.80 6.70
C VAL A 97 -20.61 10.13 5.80
N ASP A 98 -20.65 11.36 5.30
CA ASP A 98 -21.71 11.77 4.40
C ASP A 98 -21.13 12.61 3.27
N PHE A 99 -21.95 12.85 2.26
CA PHE A 99 -21.57 13.66 1.12
C PHE A 99 -22.57 14.80 0.97
N ILE A 100 -22.15 15.85 0.28
CA ILE A 100 -23.05 16.99 0.07
C ILE A 100 -22.63 17.73 -1.19
N ARG A 101 -23.63 18.20 -1.94
CA ARG A 101 -23.45 19.03 -3.12
C ARG A 101 -24.18 20.35 -2.89
N LEU A 102 -23.50 21.46 -3.12
CA LEU A 102 -24.06 22.78 -2.87
C LEU A 102 -24.71 23.34 -4.14
N SER A 123 -30.15 18.73 10.05
CA SER A 123 -30.20 18.95 11.50
C SER A 123 -29.34 17.90 12.21
N THR A 124 -29.03 16.80 11.53
CA THR A 124 -28.19 15.76 12.11
C THR A 124 -26.80 16.27 12.47
N LEU A 125 -26.40 17.46 12.04
CA LEU A 125 -25.10 18.03 12.37
C LEU A 125 -25.10 18.77 13.70
N THR A 126 -26.27 19.08 14.24
CA THR A 126 -26.37 19.90 15.45
C THR A 126 -25.57 19.29 16.60
N GLY A 127 -24.73 20.12 17.22
CA GLY A 127 -23.89 19.68 18.33
C GLY A 127 -22.83 18.65 17.99
N LYS A 128 -22.54 18.43 16.72
CA LYS A 128 -21.52 17.47 16.32
C LYS A 128 -20.26 18.17 15.82
N ASN A 129 -19.14 17.47 15.94
CA ASN A 129 -17.88 17.91 15.35
C ASN A 129 -17.93 17.65 13.85
N VAL A 130 -17.99 18.71 13.06
CA VAL A 130 -18.20 18.62 11.61
C VAL A 130 -16.89 18.96 10.91
N LEU A 131 -16.39 18.03 10.11
CA LEU A 131 -15.23 18.26 9.26
C LEU A 131 -15.69 18.27 7.80
N ILE A 132 -15.50 19.40 7.12
CA ILE A 132 -15.69 19.52 5.67
C ILE A 132 -14.39 19.11 4.99
N VAL A 133 -14.47 18.23 4.00
CA VAL A 133 -13.28 17.80 3.27
C VAL A 133 -13.43 18.23 1.82
N GLU A 134 -12.48 19.03 1.35
CA GLU A 134 -12.49 19.52 -0.01
C GLU A 134 -11.18 19.17 -0.69
N ASP A 135 -11.24 18.97 -2.01
CA ASP A 135 -10.02 18.69 -2.76
C ASP A 135 -9.24 19.97 -3.04
N ILE A 136 -9.90 21.01 -3.55
CA ILE A 136 -9.22 22.24 -3.93
C ILE A 136 -10.08 23.44 -3.55
N ILE A 137 -9.42 24.49 -3.07
CA ILE A 137 -10.04 25.77 -2.77
C ILE A 137 -9.42 26.79 -3.72
N ASP A 138 -10.22 27.24 -4.70
CA ASP A 138 -9.77 28.22 -5.69
C ASP A 138 -10.07 29.62 -5.19
N THR A 139 -11.24 30.15 -5.53
CA THR A 139 -11.67 31.46 -5.04
C THR A 139 -12.16 31.44 -3.60
N GLY A 140 -12.54 30.27 -3.09
CA GLY A 140 -13.07 30.17 -1.74
C GLY A 140 -14.53 30.48 -1.60
N LYS A 141 -15.24 30.79 -2.69
CA LYS A 141 -16.66 31.12 -2.59
C LYS A 141 -17.49 29.90 -2.21
N THR A 142 -17.03 28.71 -2.55
CA THR A 142 -17.74 27.50 -2.15
C THR A 142 -17.70 27.32 -0.64
N MET A 143 -16.51 27.35 -0.04
CA MET A 143 -16.41 27.14 1.41
C MET A 143 -17.08 28.26 2.18
N GLN A 144 -16.85 29.51 1.78
CA GLN A 144 -17.52 30.64 2.41
C GLN A 144 -19.02 30.38 2.47
N THR A 145 -19.62 30.00 1.34
CA THR A 145 -21.04 29.69 1.31
C THR A 145 -21.36 28.47 2.17
N LEU A 146 -20.68 27.35 1.90
CA LEU A 146 -20.94 26.12 2.64
C LEU A 146 -20.89 26.34 4.15
N LEU A 147 -19.86 27.04 4.63
CA LEU A 147 -19.74 27.24 6.07
C LEU A 147 -20.91 28.04 6.63
N SER A 148 -21.43 29.00 5.87
CA SER A 148 -22.53 29.79 6.39
C SER A 148 -23.77 28.94 6.62
N LEU A 149 -24.07 28.02 5.70
CA LEU A 149 -25.19 27.09 5.89
C LEU A 149 -24.95 26.22 7.12
N VAL A 150 -23.84 25.49 7.13
CA VAL A 150 -23.54 24.55 8.21
C VAL A 150 -23.57 25.26 9.56
N ARG A 151 -23.10 26.50 9.62
CA ARG A 151 -23.03 27.19 10.90
C ARG A 151 -24.40 27.59 11.42
N GLN A 152 -25.43 27.56 10.58
CA GLN A 152 -26.78 27.83 11.05
C GLN A 152 -27.39 26.67 11.83
N TYR A 153 -26.90 25.46 11.62
CA TYR A 153 -27.46 24.28 12.26
C TYR A 153 -26.86 24.01 13.64
N ASN A 154 -26.01 24.90 14.13
CA ASN A 154 -25.47 24.82 15.48
C ASN A 154 -24.68 23.54 15.68
N PRO A 155 -23.59 23.32 14.95
CA PRO A 155 -22.70 22.21 15.27
C PRO A 155 -21.80 22.57 16.44
N LYS A 156 -21.30 21.54 17.13
CA LYS A 156 -20.34 21.80 18.21
C LYS A 156 -19.13 22.53 17.67
N MET A 157 -18.75 22.26 16.42
CA MET A 157 -17.71 23.00 15.73
C MET A 157 -17.65 22.50 14.29
N VAL A 158 -17.20 23.37 13.41
CA VAL A 158 -17.06 23.04 11.99
C VAL A 158 -15.68 23.48 11.52
N LYS A 159 -14.95 22.54 10.91
CA LYS A 159 -13.59 22.77 10.44
C LYS A 159 -13.48 22.29 9.00
N VAL A 160 -12.60 22.92 8.23
CA VAL A 160 -12.42 22.59 6.83
C VAL A 160 -11.01 22.04 6.62
N ALA A 161 -10.92 20.89 5.95
CA ALA A 161 -9.66 20.34 5.46
C ALA A 161 -9.70 20.36 3.94
N SER A 162 -8.73 21.02 3.33
CA SER A 162 -8.61 21.07 1.88
C SER A 162 -7.23 20.59 1.45
N LEU A 163 -7.19 19.64 0.51
CA LEU A 163 -5.92 19.14 0.01
C LEU A 163 -5.07 20.26 -0.59
N LEU A 164 -5.66 21.03 -1.50
CA LEU A 164 -4.96 22.09 -2.22
C LEU A 164 -5.64 23.42 -1.96
N VAL A 165 -4.85 24.43 -1.65
CA VAL A 165 -5.30 25.82 -1.64
C VAL A 165 -4.50 26.56 -2.72
N LYS A 166 -5.21 27.16 -3.66
CA LYS A 166 -4.56 27.94 -4.71
C LYS A 166 -4.29 29.36 -4.24
N ARG A 167 -3.06 29.82 -4.42
CA ARG A 167 -2.69 31.21 -4.18
C ARG A 167 -3.11 32.03 -5.38
N THR A 168 -4.30 32.61 -5.29
CA THR A 168 -4.84 33.36 -6.41
C THR A 168 -5.41 34.68 -5.94
N PRO A 169 -5.18 35.77 -6.68
CA PRO A 169 -5.86 37.03 -6.36
C PRO A 169 -7.36 36.97 -6.56
N ARG A 170 -7.86 35.94 -7.24
CA ARG A 170 -9.30 35.69 -7.27
C ARG A 170 -9.82 35.16 -5.94
N SER A 171 -8.97 35.06 -4.93
CA SER A 171 -9.39 34.49 -3.65
C SER A 171 -10.15 35.51 -2.83
N VAL A 172 -11.28 35.09 -2.26
CA VAL A 172 -12.08 35.93 -1.38
C VAL A 172 -11.48 36.05 0.01
N GLY A 173 -10.36 35.38 0.28
CA GLY A 173 -9.67 35.51 1.55
C GLY A 173 -9.85 34.35 2.50
N TYR A 174 -10.72 33.39 2.17
CA TYR A 174 -10.94 32.27 3.07
C TYR A 174 -9.72 31.35 3.12
N LYS A 175 -9.31 30.98 4.33
CA LYS A 175 -8.19 30.06 4.53
C LYS A 175 -8.66 28.88 5.37
N PRO A 176 -8.61 27.64 4.85
CA PRO A 176 -9.17 26.51 5.58
C PRO A 176 -8.40 26.22 6.87
N ASP A 177 -9.02 25.42 7.73
CA ASP A 177 -8.37 25.10 9.00
C ASP A 177 -7.21 24.13 8.80
N PHE A 178 -7.34 23.21 7.85
CA PHE A 178 -6.27 22.26 7.53
C PHE A 178 -5.97 22.33 6.05
N VAL A 179 -4.72 22.61 5.70
CA VAL A 179 -4.31 22.73 4.31
C VAL A 179 -3.19 21.74 4.04
N GLY A 180 -3.38 20.89 3.04
CA GLY A 180 -2.34 20.04 2.53
C GLY A 180 -1.25 20.79 1.78
N PHE A 181 -1.61 21.46 0.68
CA PHE A 181 -0.62 22.15 -0.16
C PHE A 181 -1.14 23.51 -0.60
N GLU A 182 -0.29 24.53 -0.48
CA GLU A 182 -0.53 25.84 -1.05
C GLU A 182 0.23 25.91 -2.37
N ILE A 183 -0.50 25.98 -3.47
CA ILE A 183 0.08 25.80 -4.81
C ILE A 183 -0.08 27.10 -5.58
N PRO A 184 0.73 27.29 -6.62
CA PRO A 184 0.56 28.47 -7.48
C PRO A 184 -0.78 28.42 -8.21
N ASP A 185 -1.12 29.54 -8.84
CA ASP A 185 -2.40 29.67 -9.53
C ASP A 185 -2.28 29.19 -10.97
N LYS A 186 -2.16 27.87 -11.11
CA LYS A 186 -2.12 27.23 -12.41
C LYS A 186 -3.16 26.11 -12.40
N PHE A 187 -3.52 25.62 -13.59
CA PHE A 187 -4.57 24.62 -13.72
C PHE A 187 -3.96 23.23 -13.55
N VAL A 188 -4.38 22.52 -12.51
CA VAL A 188 -3.79 21.25 -12.12
C VAL A 188 -4.82 20.13 -12.30
N VAL A 189 -4.33 18.95 -12.69
CA VAL A 189 -5.15 17.76 -12.80
C VAL A 189 -4.41 16.61 -12.13
N GLY A 190 -5.13 15.50 -11.93
CA GLY A 190 -4.60 14.31 -11.31
C GLY A 190 -5.00 14.21 -9.84
N TYR A 191 -4.99 12.96 -9.35
CA TYR A 191 -5.44 12.65 -8.00
C TYR A 191 -6.69 13.44 -7.61
N ALA A 192 -7.87 12.86 -7.75
CA ALA A 192 -9.07 13.55 -7.30
C ALA A 192 -9.43 14.81 -8.09
N LEU A 193 -8.53 15.34 -8.92
CA LEU A 193 -8.81 16.51 -9.75
C LEU A 193 -8.95 16.09 -11.20
N ASP A 194 -10.18 15.99 -11.69
CA ASP A 194 -10.41 15.66 -13.09
C ASP A 194 -10.62 16.92 -13.92
N TYR A 195 -10.60 16.71 -15.24
CA TYR A 195 -10.90 17.75 -16.22
C TYR A 195 -11.88 17.13 -17.21
N ASN A 196 -13.16 17.45 -17.06
CA ASN A 196 -14.20 16.84 -17.88
C ASN A 196 -14.15 15.32 -17.78
N GLU A 197 -13.89 14.84 -16.56
CA GLU A 197 -13.87 13.42 -16.23
C GLU A 197 -12.66 12.69 -16.81
N TYR A 198 -11.71 13.41 -17.38
CA TYR A 198 -10.43 12.81 -17.73
C TYR A 198 -9.43 13.01 -16.60
N PHE A 199 -8.29 12.36 -16.71
CA PHE A 199 -7.21 12.42 -15.72
C PHE A 199 -7.57 11.76 -14.40
N ARG A 200 -8.64 10.97 -14.35
CA ARG A 200 -8.96 10.27 -13.10
C ARG A 200 -8.01 9.13 -12.82
N ASP A 201 -7.34 8.59 -13.85
CA ASP A 201 -6.36 7.55 -13.65
C ASP A 201 -4.95 8.08 -13.41
N LEU A 202 -4.74 9.39 -13.54
CA LEU A 202 -3.46 9.99 -13.19
C LEU A 202 -3.42 10.21 -11.68
N ASN A 203 -2.36 9.72 -11.04
CA ASN A 203 -2.28 9.77 -9.59
C ASN A 203 -1.47 10.94 -9.06
N HIS A 204 -0.72 11.63 -9.92
CA HIS A 204 0.02 12.81 -9.52
C HIS A 204 -0.78 14.07 -9.85
N VAL A 205 -0.57 15.11 -9.05
CA VAL A 205 -1.09 16.44 -9.37
C VAL A 205 -0.11 17.11 -10.33
N ALA A 206 -0.51 17.27 -11.58
CA ALA A 206 0.31 17.88 -12.61
C ALA A 206 -0.41 19.06 -13.24
N VAL A 207 0.37 19.96 -13.83
CA VAL A 207 -0.16 21.11 -14.54
C VAL A 207 -0.56 20.66 -15.95
N ILE A 208 -1.83 20.88 -16.32
CA ILE A 208 -2.27 20.50 -17.65
C ILE A 208 -1.62 21.42 -18.67
N SER A 209 -1.35 20.87 -19.86
CA SER A 209 -0.80 21.69 -20.93
C SER A 209 -1.94 22.30 -21.74
N GLU A 210 -1.61 23.37 -22.47
CA GLU A 210 -2.63 24.00 -23.31
C GLU A 210 -3.15 23.03 -24.36
N THR A 211 -2.33 22.08 -24.81
CA THR A 211 -2.81 20.99 -25.64
C THR A 211 -3.88 20.19 -24.92
N GLY A 212 -3.56 19.67 -23.74
CA GLY A 212 -4.55 18.94 -22.98
C GLY A 212 -5.76 19.78 -22.62
N LYS A 213 -5.56 21.09 -22.47
CA LYS A 213 -6.65 21.99 -22.10
C LYS A 213 -7.79 21.91 -23.13
N ALA A 214 -7.46 21.94 -24.41
CA ALA A 214 -8.46 21.89 -25.47
C ALA A 214 -8.67 20.50 -26.05
N LYS A 215 -7.87 19.53 -25.64
CA LYS A 215 -8.07 18.17 -26.14
C LYS A 215 -9.24 17.47 -25.47
N TYR A 216 -9.49 17.79 -24.19
CA TYR A 216 -10.56 17.15 -23.43
C TYR A 216 -11.67 18.13 -23.07
N LYS A 217 -11.66 19.33 -23.66
CA LYS A 217 -12.72 20.30 -23.38
C LYS A 217 -14.10 19.73 -23.67
N ALA A 218 -14.18 18.76 -24.58
CA ALA A 218 -15.40 18.01 -24.86
C ALA A 218 -16.64 18.91 -24.89
N SER B 5 0.95 -21.83 18.75
CA SER B 5 -0.03 -22.24 17.75
C SER B 5 0.66 -22.77 16.49
N PRO B 6 -0.06 -23.56 15.70
CA PRO B 6 0.46 -23.98 14.40
C PRO B 6 0.26 -22.95 13.29
N GLY B 7 -0.30 -21.78 13.61
CA GLY B 7 -0.59 -20.77 12.61
C GLY B 7 -1.94 -20.97 11.96
N VAL B 8 -2.11 -20.28 10.84
CA VAL B 8 -3.30 -20.46 10.01
C VAL B 8 -3.21 -21.83 9.35
N VAL B 9 -4.10 -22.74 9.71
CA VAL B 9 -4.04 -24.11 9.20
C VAL B 9 -4.84 -24.20 7.91
N ILE B 10 -4.21 -24.73 6.87
CA ILE B 10 -4.85 -25.05 5.61
C ILE B 10 -4.90 -26.58 5.53
N SER B 11 -6.10 -27.17 5.55
CA SER B 11 -6.23 -28.60 5.68
C SER B 11 -5.97 -29.30 4.34
N ASP B 12 -5.77 -30.62 4.41
CA ASP B 12 -5.53 -31.41 3.20
C ASP B 12 -6.77 -31.46 2.32
N ASP B 13 -7.95 -31.35 2.91
CA ASP B 13 -9.18 -31.49 2.15
C ASP B 13 -9.64 -30.19 1.49
N GLU B 14 -9.21 -29.05 2.01
CA GLU B 14 -9.55 -27.77 1.39
C GLU B 14 -8.91 -27.69 0.01
N PRO B 15 -9.69 -27.54 -1.06
CA PRO B 15 -9.09 -27.56 -2.40
C PRO B 15 -8.13 -26.41 -2.64
N GLY B 16 -8.42 -25.24 -2.08
CA GLY B 16 -7.73 -24.01 -2.39
C GLY B 16 -8.68 -22.99 -2.99
N TYR B 17 -8.14 -22.17 -3.87
CA TYR B 17 -8.93 -21.19 -4.62
C TYR B 17 -8.74 -21.41 -6.11
N ASP B 18 -9.85 -21.40 -6.85
CA ASP B 18 -9.75 -21.39 -8.30
C ASP B 18 -8.94 -20.20 -8.76
N LEU B 19 -8.19 -20.38 -9.85
CA LEU B 19 -7.33 -19.31 -10.34
C LEU B 19 -8.14 -18.16 -10.93
N ASP B 20 -9.34 -18.43 -11.43
CA ASP B 20 -10.15 -17.35 -12.00
C ASP B 20 -10.68 -16.39 -10.95
N LEU B 21 -10.52 -16.70 -9.66
CA LEU B 21 -11.03 -15.82 -8.62
C LEU B 21 -10.06 -14.71 -8.23
N PHE B 22 -8.81 -14.77 -8.69
CA PHE B 22 -7.83 -13.73 -8.33
C PHE B 22 -7.03 -13.35 -9.57
N ALA B 23 -6.27 -12.27 -9.45
CA ALA B 23 -5.43 -11.79 -10.54
C ALA B 23 -4.12 -12.58 -10.54
N ILE B 24 -3.93 -13.43 -11.55
CA ILE B 24 -2.67 -14.16 -11.69
C ILE B 24 -2.05 -13.73 -13.01
N PRO B 25 -0.72 -13.66 -13.10
CA PRO B 25 -0.11 -13.31 -14.40
C PRO B 25 -0.49 -14.31 -15.47
N ASN B 26 -0.89 -13.77 -16.64
CA ASN B 26 -1.35 -14.58 -17.75
C ASN B 26 -0.38 -15.70 -18.10
N HIS B 27 0.91 -15.38 -18.19
CA HIS B 27 1.87 -16.40 -18.59
C HIS B 27 1.98 -17.54 -17.58
N TYR B 28 1.45 -17.40 -16.37
CA TYR B 28 1.42 -18.50 -15.41
C TYR B 28 0.10 -19.24 -15.38
N ALA B 29 -0.86 -18.89 -16.23
CA ALA B 29 -2.18 -19.54 -16.21
C ALA B 29 -2.06 -21.05 -16.14
N GLU B 30 -1.35 -21.64 -17.11
CA GLU B 30 -1.24 -23.10 -17.18
C GLU B 30 -0.18 -23.67 -16.25
N ASP B 31 0.52 -22.86 -15.48
CA ASP B 31 1.61 -23.34 -14.64
C ASP B 31 1.19 -23.58 -13.19
N LEU B 32 -0.05 -23.27 -12.85
CA LEU B 32 -0.54 -23.37 -11.48
C LEU B 32 -1.82 -24.19 -11.45
N GLU B 33 -2.10 -24.76 -10.28
CA GLU B 33 -3.32 -25.52 -10.05
C GLU B 33 -4.30 -24.83 -9.13
N ARG B 34 -3.82 -24.12 -8.11
CA ARG B 34 -4.65 -23.61 -7.04
C ARG B 34 -3.93 -22.50 -6.30
N VAL B 35 -4.68 -21.49 -5.90
CA VAL B 35 -4.17 -20.45 -5.01
C VAL B 35 -4.46 -20.88 -3.57
N PHE B 36 -3.40 -21.12 -2.80
CA PHE B 36 -3.58 -21.38 -1.38
C PHE B 36 -3.72 -20.10 -0.59
N ILE B 37 -2.79 -19.16 -0.78
CA ILE B 37 -2.71 -17.99 0.07
C ILE B 37 -2.54 -16.72 -0.77
N PRO B 38 -3.63 -15.98 -1.02
CA PRO B 38 -3.49 -14.69 -1.71
C PRO B 38 -2.53 -13.75 -0.99
N HIS B 39 -1.92 -12.86 -1.77
CA HIS B 39 -0.97 -11.89 -1.21
C HIS B 39 -1.56 -11.13 -0.03
N GLY B 40 -2.78 -10.59 -0.19
CA GLY B 40 -3.34 -9.77 0.87
C GLY B 40 -3.49 -10.53 2.18
N LEU B 41 -3.84 -11.81 2.09
CA LEU B 41 -3.98 -12.65 3.28
C LEU B 41 -2.64 -12.89 3.96
N ILE B 42 -1.58 -13.07 3.16
CA ILE B 42 -0.25 -13.19 3.72
C ILE B 42 0.07 -11.96 4.57
N MET B 43 -0.25 -10.77 4.05
CA MET B 43 0.05 -9.52 4.75
C MET B 43 -0.68 -9.45 6.08
N ASP B 44 -1.98 -9.78 6.09
CA ASP B 44 -2.73 -9.75 7.35
C ASP B 44 -2.05 -10.63 8.39
N ARG B 45 -1.77 -11.89 8.05
CA ARG B 45 -1.13 -12.79 9.01
C ARG B 45 0.20 -12.24 9.47
N THR B 46 1.01 -11.70 8.54
CA THR B 46 2.34 -11.22 8.89
C THR B 46 2.28 -10.04 9.86
N GLU B 47 1.24 -9.21 9.74
CA GLU B 47 1.09 -8.09 10.66
C GLU B 47 0.89 -8.57 12.09
N ARG B 48 0.00 -9.55 12.28
CA ARG B 48 -0.19 -10.15 13.60
C ARG B 48 1.05 -10.89 14.05
N LEU B 49 1.70 -11.60 13.13
CA LEU B 49 2.97 -12.25 13.45
C LEU B 49 3.96 -11.26 14.04
N ALA B 50 4.02 -10.04 13.48
CA ALA B 50 4.92 -9.03 14.02
C ALA B 50 4.55 -8.65 15.44
N ARG B 51 3.26 -8.49 15.73
CA ARG B 51 2.84 -8.21 17.11
C ARG B 51 3.26 -9.32 18.05
N ASP B 52 3.19 -10.57 17.58
CA ASP B 52 3.61 -11.70 18.40
C ASP B 52 5.12 -11.68 18.65
N VAL B 53 5.90 -11.28 17.65
CA VAL B 53 7.35 -11.16 17.81
C VAL B 53 7.69 -10.11 18.87
N MET B 54 7.12 -8.91 18.76
CA MET B 54 7.44 -7.89 19.73
C MET B 54 6.94 -8.25 21.13
N LYS B 55 5.96 -9.15 21.24
CA LYS B 55 5.48 -9.56 22.55
C LYS B 55 6.48 -10.48 23.25
N GLU B 56 7.10 -11.41 22.51
CA GLU B 56 8.04 -12.36 23.13
C GLU B 56 9.48 -11.85 23.14
N MET B 57 9.84 -10.95 22.21
CA MET B 57 11.23 -10.51 22.05
C MET B 57 11.39 -8.99 22.08
N GLY B 58 10.34 -8.25 22.42
CA GLY B 58 10.48 -6.80 22.43
C GLY B 58 11.30 -6.26 23.58
N GLY B 59 11.72 -7.13 24.52
CA GLY B 59 12.42 -6.71 25.71
C GLY B 59 13.92 -6.55 25.60
N HIS B 60 14.51 -7.05 24.51
CA HIS B 60 15.93 -6.88 24.27
C HIS B 60 16.15 -6.50 22.81
N HIS B 61 17.29 -5.86 22.56
CA HIS B 61 17.77 -5.63 21.20
C HIS B 61 17.62 -6.91 20.38
N ILE B 62 16.84 -6.83 19.30
CA ILE B 62 16.61 -7.99 18.44
C ILE B 62 17.58 -7.93 17.27
N VAL B 63 18.10 -9.08 16.90
CA VAL B 63 18.84 -9.25 15.66
C VAL B 63 17.95 -10.05 14.72
N ALA B 64 17.64 -9.48 13.56
CA ALA B 64 16.77 -10.13 12.58
C ALA B 64 17.65 -10.74 11.49
N LEU B 65 17.65 -12.06 11.42
CA LEU B 65 18.49 -12.80 10.48
C LEU B 65 17.61 -13.39 9.39
N CYS B 66 17.85 -12.95 8.15
CA CYS B 66 17.19 -13.54 7.00
C CYS B 66 18.00 -14.73 6.51
N VAL B 67 17.34 -15.87 6.32
CA VAL B 67 18.00 -17.05 5.81
C VAL B 67 17.98 -17.01 4.29
N LEU B 68 19.15 -17.12 3.67
CA LEU B 68 19.26 -17.18 2.22
C LEU B 68 19.44 -18.62 1.75
N LYS B 69 19.01 -18.88 0.52
CA LYS B 69 18.45 -17.86 -0.35
C LYS B 69 16.96 -18.05 -0.55
N GLY B 70 16.34 -17.12 -1.28
CA GLY B 70 14.95 -17.25 -1.65
C GLY B 70 13.94 -17.00 -0.57
N GLY B 71 14.34 -16.43 0.57
CA GLY B 71 13.37 -16.08 1.60
C GLY B 71 13.40 -14.62 2.01
N TYR B 72 13.67 -13.72 1.06
N TYR B 72 13.68 -13.72 1.06
CA TYR B 72 13.89 -12.32 1.39
CA TYR B 72 13.91 -12.32 1.38
C TYR B 72 12.61 -11.49 1.37
C TYR B 72 12.62 -11.49 1.36
N LYS B 73 11.68 -11.78 0.46
CA LYS B 73 10.46 -10.98 0.39
C LYS B 73 9.69 -10.99 1.71
N PHE B 74 9.48 -12.18 2.28
CA PHE B 74 8.80 -12.27 3.57
C PHE B 74 9.56 -11.49 4.63
N PHE B 75 10.89 -11.59 4.63
CA PHE B 75 11.73 -10.84 5.54
C PHE B 75 11.43 -9.35 5.47
N ALA B 76 11.40 -8.78 4.26
CA ALA B 76 11.16 -7.35 4.13
C ALA B 76 9.78 -6.98 4.66
N ASP B 77 8.76 -7.75 4.29
CA ASP B 77 7.41 -7.47 4.76
C ASP B 77 7.31 -7.57 6.28
N LEU B 78 7.90 -8.61 6.87
CA LEU B 78 7.82 -8.76 8.32
C LEU B 78 8.51 -7.60 9.03
N LEU B 79 9.69 -7.19 8.55
CA LEU B 79 10.37 -6.08 9.20
C LEU B 79 9.60 -4.77 9.03
N ASP B 80 8.97 -4.56 7.87
CA ASP B 80 8.12 -3.39 7.71
C ASP B 80 7.06 -3.32 8.80
N TYR B 81 6.44 -4.46 9.12
CA TYR B 81 5.43 -4.43 10.19
C TYR B 81 6.07 -4.27 11.56
N ILE B 82 7.26 -4.83 11.78
CA ILE B 82 7.92 -4.64 13.06
C ILE B 82 8.32 -3.19 13.23
N LYS B 83 8.88 -2.58 12.19
CA LYS B 83 9.29 -1.18 12.27
C LYS B 83 8.09 -0.28 12.54
N ALA B 84 6.96 -0.57 11.89
CA ALA B 84 5.75 0.21 12.15
C ALA B 84 5.30 0.09 13.61
N LEU B 85 5.61 -1.02 14.27
CA LEU B 85 5.33 -1.12 15.70
C LEU B 85 6.33 -0.32 16.52
N ASN B 86 7.59 -0.30 16.11
CA ASN B 86 8.56 0.47 16.87
C ASN B 86 8.34 1.97 16.71
N ARG B 87 7.95 2.41 15.51
CA ARG B 87 7.73 3.84 15.36
C ARG B 87 6.50 4.33 16.12
N ASN B 88 5.63 3.43 16.57
CA ASN B 88 4.48 3.80 17.39
C ASN B 88 4.75 3.65 18.88
N SER B 89 5.96 3.26 19.26
CA SER B 89 6.27 2.87 20.63
C SER B 89 6.68 4.04 21.51
N ASP B 90 7.00 5.19 20.94
CA ASP B 90 7.39 6.39 21.66
C ASP B 90 8.82 6.30 22.18
N ARG B 91 9.61 5.31 21.73
CA ARG B 91 10.99 5.13 22.19
C ARG B 91 11.87 4.83 20.99
N SER B 92 13.14 5.24 21.08
CA SER B 92 14.11 4.95 20.03
C SER B 92 14.63 3.53 20.21
N ILE B 93 14.19 2.63 19.35
CA ILE B 93 14.52 1.21 19.49
C ILE B 93 15.53 0.84 18.41
N PRO B 94 16.76 0.49 18.77
CA PRO B 94 17.71 0.00 17.77
C PRO B 94 17.40 -1.44 17.39
N MET B 95 17.70 -1.78 16.14
CA MET B 95 17.47 -3.14 15.65
C MET B 95 18.49 -3.48 14.58
N THR B 96 19.06 -4.69 14.68
CA THR B 96 20.04 -5.17 13.72
C THR B 96 19.39 -6.12 12.73
N VAL B 97 19.73 -5.94 11.46
CA VAL B 97 19.34 -6.86 10.40
C VAL B 97 20.60 -7.48 9.81
N ASP B 98 20.48 -8.70 9.33
CA ASP B 98 21.60 -9.37 8.71
C ASP B 98 21.08 -10.55 7.90
N PHE B 99 21.94 -11.07 7.04
CA PHE B 99 21.64 -12.20 6.18
C PHE B 99 22.63 -13.32 6.42
N ILE B 100 22.15 -14.56 6.35
CA ILE B 100 22.92 -15.73 6.74
C ILE B 100 22.69 -16.85 5.72
N ARG B 101 23.77 -17.47 5.26
CA ARG B 101 23.72 -18.68 4.47
C ARG B 101 24.50 -19.78 5.18
N LEU B 102 23.99 -21.02 5.08
CA LEU B 102 24.63 -22.17 5.72
C LEU B 102 26.15 -22.16 5.57
N SER B 123 29.49 -12.35 16.42
CA SER B 123 29.73 -12.02 17.82
C SER B 123 28.68 -11.03 18.28
N THR B 124 27.95 -10.47 17.32
CA THR B 124 26.90 -9.50 17.64
C THR B 124 25.67 -10.18 18.22
N LEU B 125 25.39 -11.42 17.81
CA LEU B 125 24.26 -12.15 18.38
C LEU B 125 24.37 -12.30 19.90
N THR B 126 25.58 -12.20 20.44
CA THR B 126 25.79 -12.46 21.87
C THR B 126 24.93 -11.55 22.71
N GLY B 127 24.09 -12.14 23.57
CA GLY B 127 23.25 -11.39 24.47
C GLY B 127 22.10 -10.63 23.85
N LYS B 128 21.73 -10.94 22.61
CA LYS B 128 20.61 -10.27 21.96
C LYS B 128 19.49 -11.25 21.67
N ASN B 129 18.32 -10.71 21.34
CA ASN B 129 17.17 -11.51 20.92
C ASN B 129 17.27 -11.73 19.42
N VAL B 130 17.46 -12.98 19.02
CA VAL B 130 17.76 -13.32 17.64
C VAL B 130 16.50 -13.91 17.01
N LEU B 131 16.03 -13.29 15.94
CA LEU B 131 14.87 -13.76 15.19
C LEU B 131 15.36 -14.34 13.87
N ILE B 132 15.19 -15.65 13.69
CA ILE B 132 15.53 -16.29 12.43
C ILE B 132 14.28 -16.32 11.57
N VAL B 133 14.31 -15.61 10.46
CA VAL B 133 13.17 -15.45 9.58
C VAL B 133 13.34 -16.39 8.40
N GLU B 134 12.39 -17.30 8.24
CA GLU B 134 12.43 -18.27 7.16
C GLU B 134 11.13 -18.18 6.39
N ASP B 135 11.21 -18.47 5.09
CA ASP B 135 10.00 -18.50 4.29
C ASP B 135 9.29 -19.85 4.42
N ILE B 136 10.01 -20.95 4.19
CA ILE B 136 9.41 -22.27 4.17
C ILE B 136 10.21 -23.24 5.02
N ILE B 137 9.51 -24.06 5.80
CA ILE B 137 10.09 -25.17 6.53
C ILE B 137 9.49 -26.45 5.97
N ASP B 138 10.35 -27.31 5.42
CA ASP B 138 9.91 -28.55 4.81
C ASP B 138 10.40 -29.70 5.68
N THR B 139 11.61 -30.23 5.45
CA THR B 139 12.14 -31.25 6.33
C THR B 139 12.42 -30.71 7.72
N GLY B 140 12.71 -29.41 7.82
CA GLY B 140 13.14 -28.81 9.07
C GLY B 140 14.62 -28.97 9.35
N LYS B 141 15.36 -29.68 8.49
CA LYS B 141 16.78 -29.88 8.73
C LYS B 141 17.55 -28.56 8.62
N THR B 142 17.18 -27.70 7.66
CA THR B 142 17.81 -26.39 7.57
C THR B 142 17.74 -25.66 8.89
N MET B 143 16.52 -25.48 9.41
CA MET B 143 16.35 -24.76 10.66
C MET B 143 17.01 -25.48 11.83
N GLN B 144 17.06 -26.82 11.79
CA GLN B 144 17.70 -27.56 12.87
C GLN B 144 19.20 -27.27 12.91
N THR B 145 19.86 -27.33 11.75
CA THR B 145 21.28 -26.97 11.68
C THR B 145 21.51 -25.55 12.20
N LEU B 146 20.71 -24.59 11.71
CA LEU B 146 20.98 -23.18 12.00
C LEU B 146 20.83 -22.90 13.50
N LEU B 147 19.76 -23.42 14.11
CA LEU B 147 19.57 -23.20 15.54
C LEU B 147 20.78 -23.65 16.35
N SER B 148 21.26 -24.86 16.09
CA SER B 148 22.36 -25.39 16.89
C SER B 148 23.56 -24.46 16.83
N LEU B 149 23.85 -23.92 15.65
CA LEU B 149 24.97 -23.01 15.49
C LEU B 149 24.70 -21.67 16.18
N VAL B 150 23.52 -21.09 15.95
CA VAL B 150 23.22 -19.77 16.49
C VAL B 150 23.28 -19.77 18.01
N ARG B 151 22.77 -20.83 18.64
CA ARG B 151 22.80 -20.96 20.09
C ARG B 151 24.22 -21.00 20.64
N GLN B 152 25.21 -21.42 19.82
CA GLN B 152 26.58 -21.48 20.30
C GLN B 152 27.11 -20.09 20.64
N TYR B 153 26.72 -19.07 19.86
CA TYR B 153 27.18 -17.72 20.12
C TYR B 153 26.45 -17.07 21.28
N ASN B 154 25.91 -17.91 22.17
CA ASN B 154 25.19 -17.60 23.39
C ASN B 154 24.36 -16.34 23.25
N PRO B 155 23.29 -16.39 22.47
CA PRO B 155 22.32 -15.29 22.45
C PRO B 155 21.40 -15.37 23.64
N LYS B 156 20.84 -14.20 24.00
CA LYS B 156 19.84 -14.16 25.05
C LYS B 156 18.64 -15.05 24.72
N MET B 157 18.37 -15.25 23.43
CA MET B 157 17.13 -15.86 22.99
C MET B 157 17.22 -16.10 21.50
N VAL B 158 16.70 -17.25 21.05
CA VAL B 158 16.66 -17.61 19.64
C VAL B 158 15.26 -18.12 19.32
N LYS B 159 14.57 -17.42 18.42
CA LYS B 159 13.25 -17.84 17.95
C LYS B 159 13.26 -17.89 16.43
N VAL B 160 12.39 -18.73 15.87
CA VAL B 160 12.26 -18.88 14.43
C VAL B 160 10.86 -18.46 14.02
N ALA B 161 10.77 -17.51 13.08
CA ALA B 161 9.52 -17.18 12.41
C ALA B 161 9.56 -17.77 11.00
N SER B 162 8.49 -18.45 10.60
CA SER B 162 8.44 -19.05 9.28
C SER B 162 7.09 -18.75 8.65
N LEU B 163 7.11 -18.27 7.40
CA LEU B 163 5.86 -17.96 6.73
C LEU B 163 5.03 -19.22 6.50
N LEU B 164 5.66 -20.28 6.03
CA LEU B 164 5.00 -21.52 5.70
C LEU B 164 5.66 -22.69 6.43
N VAL B 165 4.83 -23.60 6.93
CA VAL B 165 5.28 -24.89 7.44
C VAL B 165 4.54 -25.97 6.65
N LYS B 166 5.29 -26.80 5.92
CA LYS B 166 4.70 -27.87 5.13
C LYS B 166 4.48 -29.11 5.99
N ARG B 167 3.27 -29.66 5.94
CA ARG B 167 3.00 -30.95 6.56
C ARG B 167 3.66 -32.06 5.76
N THR B 168 4.98 -32.07 5.74
CA THR B 168 5.60 -33.10 4.93
C THR B 168 5.98 -34.30 5.80
N PRO B 169 5.75 -35.52 5.30
CA PRO B 169 6.04 -36.69 6.14
C PRO B 169 7.52 -36.87 6.38
N ARG B 170 8.35 -36.42 5.45
CA ARG B 170 9.79 -36.40 5.60
C ARG B 170 10.25 -35.40 6.70
N SER B 171 9.32 -34.83 7.45
CA SER B 171 9.67 -33.89 8.51
C SER B 171 10.39 -34.59 9.66
N VAL B 172 11.46 -33.96 10.14
CA VAL B 172 12.20 -34.45 11.30
C VAL B 172 11.57 -33.90 12.56
N GLY B 173 10.35 -33.36 12.44
CA GLY B 173 9.61 -32.87 13.59
C GLY B 173 10.26 -31.70 14.29
N TYR B 174 10.22 -30.53 13.65
CA TYR B 174 10.62 -29.27 14.27
C TYR B 174 9.51 -28.24 14.07
N LYS B 175 9.12 -27.57 15.14
CA LYS B 175 8.03 -26.61 15.08
C LYS B 175 8.56 -25.21 15.40
N PRO B 176 8.44 -24.24 14.49
CA PRO B 176 9.00 -22.92 14.76
C PRO B 176 8.13 -22.16 15.77
N ASP B 177 8.64 -21.00 16.20
CA ASP B 177 7.93 -20.27 17.25
C ASP B 177 6.74 -19.51 16.69
N PHE B 178 6.91 -18.93 15.51
CA PHE B 178 5.88 -18.16 14.83
C PHE B 178 5.73 -18.74 13.44
N VAL B 179 4.52 -19.18 13.10
CA VAL B 179 4.21 -19.79 11.82
C VAL B 179 3.14 -18.95 11.13
N GLY B 180 3.38 -18.61 9.88
CA GLY B 180 2.33 -17.98 9.11
C GLY B 180 1.22 -18.96 8.81
N PHE B 181 1.55 -20.01 8.07
CA PHE B 181 0.56 -20.95 7.57
C PHE B 181 1.13 -22.35 7.59
N GLU B 182 0.32 -23.29 8.08
CA GLU B 182 0.61 -24.71 8.01
C GLU B 182 -0.15 -25.27 6.80
N ILE B 183 0.59 -25.74 5.80
CA ILE B 183 0.01 -26.04 4.50
C ILE B 183 0.24 -27.52 4.19
N PRO B 184 -0.51 -28.07 3.25
CA PRO B 184 -0.28 -29.46 2.79
C PRO B 184 1.13 -29.61 2.21
N ASP B 185 1.47 -30.87 1.88
CA ASP B 185 2.75 -31.19 1.24
C ASP B 185 2.58 -31.13 -0.27
N LYS B 186 2.52 -29.90 -0.78
CA LYS B 186 2.45 -29.62 -2.20
C LYS B 186 3.57 -28.66 -2.54
N PHE B 187 4.08 -28.72 -3.77
CA PHE B 187 5.13 -27.79 -4.16
C PHE B 187 4.50 -26.44 -4.48
N VAL B 188 4.84 -25.42 -3.70
CA VAL B 188 4.18 -24.11 -3.82
C VAL B 188 5.19 -23.09 -4.33
N VAL B 189 4.67 -22.12 -5.07
CA VAL B 189 5.47 -21.04 -5.64
C VAL B 189 4.69 -19.75 -5.48
N GLY B 190 5.39 -18.63 -5.66
CA GLY B 190 4.78 -17.33 -5.50
C GLY B 190 5.13 -16.71 -4.17
N TYR B 191 4.95 -15.38 -4.10
CA TYR B 191 5.37 -14.57 -2.96
C TYR B 191 6.59 -15.16 -2.26
N ALA B 192 7.78 -14.67 -2.57
CA ALA B 192 8.98 -15.11 -1.87
C ALA B 192 9.45 -16.51 -2.26
N LEU B 193 8.57 -17.34 -2.82
CA LEU B 193 8.89 -18.73 -3.15
C LEU B 193 9.08 -18.86 -4.65
N ASP B 194 10.32 -19.03 -5.07
CA ASP B 194 10.66 -19.12 -6.48
C ASP B 194 10.88 -20.57 -6.89
N TYR B 195 10.99 -20.78 -8.20
CA TYR B 195 11.28 -22.09 -8.75
C TYR B 195 12.18 -21.86 -9.96
N ASN B 196 13.46 -22.23 -9.82
CA ASN B 196 14.45 -22.00 -10.87
C ASN B 196 14.45 -20.52 -11.28
N GLU B 197 14.26 -19.65 -10.28
CA GLU B 197 14.22 -18.19 -10.44
C GLU B 197 12.95 -17.70 -11.12
N TYR B 198 11.95 -18.57 -11.31
CA TYR B 198 10.66 -18.20 -11.87
C TYR B 198 9.62 -18.03 -10.78
N PHE B 199 8.55 -17.30 -11.10
CA PHE B 199 7.39 -17.02 -10.26
C PHE B 199 7.65 -15.90 -9.26
N ARG B 200 8.83 -15.26 -9.28
CA ARG B 200 9.10 -14.16 -8.37
C ARG B 200 8.03 -13.07 -8.48
N ASP B 201 7.53 -12.83 -9.69
CA ASP B 201 6.53 -11.80 -9.93
C ASP B 201 5.11 -12.24 -9.58
N LEU B 202 4.91 -13.50 -9.21
CA LEU B 202 3.64 -13.95 -8.67
C LEU B 202 3.57 -13.62 -7.18
N ASN B 203 2.51 -12.90 -6.78
CA ASN B 203 2.39 -12.44 -5.39
C ASN B 203 1.66 -13.41 -4.48
N HIS B 204 0.79 -14.25 -5.03
CA HIS B 204 0.08 -15.24 -4.22
C HIS B 204 0.89 -16.52 -4.11
N VAL B 205 0.65 -17.27 -3.04
CA VAL B 205 1.24 -18.59 -2.87
C VAL B 205 0.31 -19.61 -3.51
N ALA B 206 0.77 -20.24 -4.59
CA ALA B 206 -0.03 -21.19 -5.32
C ALA B 206 0.75 -22.50 -5.47
N VAL B 207 0.01 -23.57 -5.71
CA VAL B 207 0.57 -24.88 -6.02
C VAL B 207 1.03 -24.88 -7.47
N ILE B 208 2.22 -25.39 -7.72
CA ILE B 208 2.68 -25.52 -9.08
C ILE B 208 1.98 -26.71 -9.74
N SER B 209 1.92 -26.68 -11.06
CA SER B 209 1.31 -27.75 -11.84
C SER B 209 2.39 -28.61 -12.50
N GLU B 210 1.98 -29.78 -12.98
CA GLU B 210 2.91 -30.64 -13.70
C GLU B 210 3.53 -29.90 -14.89
N THR B 211 2.70 -29.18 -15.65
CA THR B 211 3.22 -28.31 -16.70
C THR B 211 4.21 -27.31 -16.13
N GLY B 212 3.93 -26.77 -14.95
CA GLY B 212 4.81 -25.84 -14.28
C GLY B 212 6.20 -26.38 -14.04
N LYS B 213 6.30 -27.50 -13.30
CA LYS B 213 7.61 -28.04 -12.97
C LYS B 213 8.37 -28.48 -14.22
N ALA B 214 7.67 -29.06 -15.20
CA ALA B 214 8.34 -29.52 -16.41
C ALA B 214 8.84 -28.33 -17.23
N LYS B 215 7.96 -27.35 -17.44
CA LYS B 215 8.30 -26.22 -18.30
C LYS B 215 9.53 -25.49 -17.82
N TYR B 216 9.61 -25.21 -16.52
CA TYR B 216 10.72 -24.45 -15.96
C TYR B 216 11.76 -25.33 -15.27
N LYS B 217 11.67 -26.64 -15.43
CA LYS B 217 12.67 -27.54 -14.86
C LYS B 217 14.06 -27.08 -15.26
N ALA B 218 14.89 -26.83 -14.26
CA ALA B 218 16.26 -26.40 -14.52
C ALA B 218 17.03 -27.52 -15.22
N SER C 5 20.14 10.89 -16.66
CA SER C 5 19.84 12.13 -15.96
C SER C 5 20.46 12.12 -14.57
N PRO C 6 20.68 13.31 -13.99
CA PRO C 6 21.16 13.38 -12.61
C PRO C 6 20.14 12.91 -11.58
N GLY C 7 18.93 12.57 -11.99
CA GLY C 7 17.89 12.18 -11.06
C GLY C 7 17.08 13.38 -10.59
N VAL C 8 16.41 13.19 -9.46
CA VAL C 8 15.66 14.28 -8.84
C VAL C 8 16.66 15.10 -8.04
N VAL C 9 16.91 16.34 -8.46
CA VAL C 9 17.93 17.18 -7.86
C VAL C 9 17.30 18.02 -6.74
N ILE C 10 17.85 17.88 -5.55
CA ILE C 10 17.49 18.69 -4.38
C ILE C 10 18.64 19.68 -4.16
N SER C 11 18.40 20.95 -4.49
CA SER C 11 19.47 21.93 -4.52
C SER C 11 19.84 22.40 -3.11
N ASP C 12 21.01 23.03 -3.01
CA ASP C 12 21.48 23.57 -1.74
C ASP C 12 20.63 24.73 -1.24
N ASP C 13 19.86 25.36 -2.13
CA ASP C 13 18.95 26.42 -1.72
C ASP C 13 17.76 25.85 -0.95
N GLU C 14 17.42 24.59 -1.19
CA GLU C 14 16.22 24.00 -0.63
C GLU C 14 16.48 23.54 0.80
N PRO C 15 15.77 24.08 1.80
CA PRO C 15 15.84 23.50 3.15
C PRO C 15 15.02 22.25 3.35
N GLY C 16 14.55 21.62 2.28
CA GLY C 16 13.77 20.41 2.41
C GLY C 16 12.34 20.66 2.84
N TYR C 17 11.92 20.03 3.95
CA TYR C 17 10.56 20.17 4.46
C TYR C 17 10.58 20.29 5.97
N ASP C 18 9.84 21.27 6.50
CA ASP C 18 9.64 21.36 7.94
C ASP C 18 9.20 20.02 8.50
N LEU C 19 9.70 19.68 9.69
CA LEU C 19 9.37 18.38 10.26
C LEU C 19 7.90 18.24 10.59
N ASP C 20 7.25 19.33 11.00
CA ASP C 20 5.88 19.22 11.47
C ASP C 20 4.87 19.10 10.33
N LEU C 21 5.31 19.18 9.07
CA LEU C 21 4.44 18.94 7.94
C LEU C 21 4.23 17.45 7.64
N PHE C 22 4.99 16.56 8.26
CA PHE C 22 4.87 15.14 7.98
C PHE C 22 4.84 14.35 9.28
N ALA C 23 4.45 13.08 9.18
CA ALA C 23 4.40 12.20 10.34
C ALA C 23 5.79 11.64 10.60
N ILE C 24 6.46 12.14 11.63
CA ILE C 24 7.74 11.55 12.01
C ILE C 24 7.60 11.02 13.42
N PRO C 25 8.20 9.88 13.76
CA PRO C 25 8.08 9.36 15.13
C PRO C 25 8.49 10.42 16.15
N ASN C 26 7.70 10.52 17.21
CA ASN C 26 7.92 11.58 18.19
C ASN C 26 9.28 11.45 18.87
N HIS C 27 9.71 10.22 19.16
CA HIS C 27 11.01 10.05 19.79
C HIS C 27 12.15 10.53 18.90
N TYR C 28 11.89 10.87 17.63
CA TYR C 28 12.91 11.43 16.74
C TYR C 28 12.74 12.92 16.51
N ALA C 29 11.81 13.58 17.22
CA ALA C 29 11.53 14.99 16.97
C ALA C 29 12.77 15.86 17.07
N GLU C 30 13.51 15.75 18.17
CA GLU C 30 14.69 16.59 18.39
C GLU C 30 15.93 16.08 17.67
N ASP C 31 15.91 14.85 17.16
CA ASP C 31 17.07 14.23 16.53
C ASP C 31 17.17 14.52 15.03
N LEU C 32 16.29 15.37 14.48
CA LEU C 32 16.29 15.65 13.05
C LEU C 32 16.20 17.15 12.84
N GLU C 33 16.75 17.61 11.70
CA GLU C 33 16.67 19.02 11.30
C GLU C 33 15.56 19.25 10.29
N ARG C 34 15.57 18.51 9.17
CA ARG C 34 14.57 18.66 8.13
C ARG C 34 14.38 17.33 7.44
N VAL C 35 13.28 17.21 6.71
CA VAL C 35 12.98 16.06 5.88
C VAL C 35 13.33 16.41 4.44
N PHE C 36 14.18 15.59 3.81
CA PHE C 36 14.52 15.84 2.42
C PHE C 36 13.59 15.14 1.46
N ILE C 37 13.31 13.85 1.70
CA ILE C 37 12.44 13.08 0.81
C ILE C 37 11.44 12.29 1.62
N PRO C 38 10.16 12.67 1.60
CA PRO C 38 9.13 11.83 2.25
C PRO C 38 9.05 10.44 1.62
N HIS C 39 8.64 9.46 2.43
CA HIS C 39 8.55 8.07 1.95
C HIS C 39 7.79 7.97 0.64
N GLY C 40 6.67 8.70 0.52
CA GLY C 40 5.86 8.59 -0.69
C GLY C 40 6.60 9.04 -1.92
N LEU C 41 7.38 10.12 -1.80
CA LEU C 41 8.18 10.58 -2.93
C LEU C 41 9.23 9.54 -3.31
N ILE C 42 9.89 8.94 -2.33
CA ILE C 42 10.84 7.86 -2.62
C ILE C 42 10.20 6.79 -3.49
N MET C 43 9.00 6.34 -3.09
CA MET C 43 8.35 5.25 -3.82
C MET C 43 8.03 5.66 -5.26
N ASP C 44 7.45 6.86 -5.44
CA ASP C 44 7.11 7.27 -6.81
C ASP C 44 8.36 7.38 -7.68
N ARG C 45 9.44 7.96 -7.16
CA ARG C 45 10.68 7.99 -7.93
C ARG C 45 11.17 6.58 -8.21
N THR C 46 11.09 5.70 -7.21
CA THR C 46 11.57 4.32 -7.37
C THR C 46 10.80 3.57 -8.43
N GLU C 47 9.49 3.83 -8.56
CA GLU C 47 8.72 3.17 -9.60
C GLU C 47 9.24 3.54 -10.98
N ARG C 48 9.55 4.83 -11.19
CA ARG C 48 10.15 5.25 -12.44
C ARG C 48 11.55 4.67 -12.60
N LEU C 49 12.31 4.55 -11.51
CA LEU C 49 13.61 3.91 -11.63
C LEU C 49 13.47 2.47 -12.13
N ALA C 50 12.44 1.76 -11.67
CA ALA C 50 12.24 0.39 -12.13
C ALA C 50 12.01 0.34 -13.64
N ARG C 51 11.23 1.29 -14.17
CA ARG C 51 11.06 1.38 -15.61
C ARG C 51 12.40 1.65 -16.30
N ASP C 52 13.16 2.64 -15.83
CA ASP C 52 14.41 2.94 -16.49
C ASP C 52 15.34 1.73 -16.48
N VAL C 53 15.29 0.90 -15.43
CA VAL C 53 16.12 -0.30 -15.41
C VAL C 53 15.69 -1.26 -16.52
N MET C 54 14.40 -1.57 -16.57
CA MET C 54 13.92 -2.51 -17.59
C MET C 54 14.15 -1.99 -19.00
N LYS C 55 14.11 -0.67 -19.19
CA LYS C 55 14.24 -0.12 -20.54
C LYS C 55 15.62 -0.40 -21.14
N GLU C 56 16.66 -0.56 -20.31
CA GLU C 56 17.98 -0.85 -20.88
C GLU C 56 18.67 -2.05 -20.21
N MET C 57 17.94 -2.88 -19.48
CA MET C 57 18.49 -4.14 -18.99
C MET C 57 17.51 -5.29 -19.14
N GLY C 58 16.33 -5.06 -19.72
CA GLY C 58 15.28 -6.05 -19.82
C GLY C 58 15.42 -7.08 -20.90
N GLY C 59 16.49 -7.06 -21.67
CA GLY C 59 16.70 -8.01 -22.75
C GLY C 59 17.35 -9.31 -22.32
N HIS C 60 18.17 -9.24 -21.26
CA HIS C 60 18.85 -10.41 -20.74
C HIS C 60 18.47 -10.63 -19.29
N HIS C 61 18.58 -11.89 -18.84
CA HIS C 61 18.38 -12.21 -17.43
C HIS C 61 19.20 -11.27 -16.56
N ILE C 62 18.57 -10.74 -15.52
CA ILE C 62 19.18 -9.78 -14.60
C ILE C 62 19.64 -10.50 -13.35
N VAL C 63 20.83 -10.14 -12.88
CA VAL C 63 21.30 -10.53 -11.57
C VAL C 63 21.25 -9.26 -10.71
N ALA C 64 20.25 -9.16 -9.84
CA ALA C 64 20.15 -8.00 -8.96
C ALA C 64 21.04 -8.22 -7.75
N LEU C 65 21.90 -7.24 -7.46
CA LEU C 65 22.93 -7.37 -6.44
C LEU C 65 22.74 -6.26 -5.40
N CYS C 66 22.49 -6.65 -4.17
CA CYS C 66 22.28 -5.70 -3.08
C CYS C 66 23.56 -5.60 -2.26
N VAL C 67 24.11 -4.39 -2.15
CA VAL C 67 25.35 -4.17 -1.42
C VAL C 67 25.03 -4.07 0.06
N LEU C 68 25.59 -4.98 0.85
CA LEU C 68 25.25 -5.06 2.27
C LEU C 68 25.98 -3.97 3.03
N LYS C 69 25.21 -3.17 3.76
CA LYS C 69 25.68 -2.00 4.50
C LYS C 69 24.48 -1.13 4.83
N GLY C 70 23.35 -1.36 4.14
CA GLY C 70 22.12 -0.64 4.42
C GLY C 70 21.06 -0.60 3.35
N GLY C 71 21.42 -0.83 2.08
CA GLY C 71 20.48 -0.66 0.99
C GLY C 71 19.34 -1.66 0.88
N TYR C 72 19.19 -2.56 1.86
CA TYR C 72 18.21 -3.64 1.74
C TYR C 72 16.80 -3.12 1.50
N LYS C 73 16.36 -2.15 2.30
CA LYS C 73 15.01 -1.62 2.12
C LYS C 73 14.79 -1.12 0.70
N PHE C 74 15.71 -0.28 0.20
CA PHE C 74 15.52 0.27 -1.15
C PHE C 74 15.63 -0.82 -2.20
N PHE C 75 16.53 -1.78 -1.98
CA PHE C 75 16.57 -2.98 -2.82
C PHE C 75 15.20 -3.63 -2.92
N ALA C 76 14.55 -3.84 -1.77
CA ALA C 76 13.26 -4.52 -1.77
C ALA C 76 12.19 -3.74 -2.54
N ASP C 77 12.14 -2.41 -2.32
CA ASP C 77 11.13 -1.62 -3.03
C ASP C 77 11.41 -1.59 -4.53
N LEU C 78 12.67 -1.44 -4.93
CA LEU C 78 12.98 -1.43 -6.36
C LEU C 78 12.62 -2.77 -7.01
N LEU C 79 12.93 -3.88 -6.32
CA LEU C 79 12.62 -5.19 -6.88
C LEU C 79 11.11 -5.41 -7.00
N ASP C 80 10.34 -4.89 -6.06
CA ASP C 80 8.88 -5.04 -6.16
C ASP C 80 8.32 -4.31 -7.38
N TYR C 81 8.89 -3.16 -7.74
CA TYR C 81 8.38 -2.46 -8.92
C TYR C 81 8.82 -3.14 -10.21
N ILE C 82 10.04 -3.67 -10.23
CA ILE C 82 10.45 -4.52 -11.34
C ILE C 82 9.49 -5.69 -11.49
N LYS C 83 9.23 -6.40 -10.40
CA LYS C 83 8.34 -7.55 -10.47
C LYS C 83 6.96 -7.17 -11.00
N ALA C 84 6.47 -5.99 -10.64
CA ALA C 84 5.20 -5.53 -11.17
C ALA C 84 5.28 -5.34 -12.68
N LEU C 85 6.38 -4.75 -13.17
CA LEU C 85 6.56 -4.62 -14.61
C LEU C 85 6.54 -5.98 -15.30
N ASN C 86 7.23 -6.98 -14.73
CA ASN C 86 7.26 -8.29 -15.37
C ASN C 86 5.90 -8.96 -15.31
N ARG C 87 5.21 -8.84 -14.17
CA ARG C 87 3.84 -9.35 -14.05
C ARG C 87 2.99 -8.96 -15.23
N ASN C 88 3.19 -7.77 -15.77
CA ASN C 88 2.36 -7.25 -16.85
C ASN C 88 3.01 -7.39 -18.22
N SER C 89 4.13 -8.09 -18.32
CA SER C 89 4.83 -8.28 -19.58
C SER C 89 4.31 -9.46 -20.38
N ASP C 90 3.39 -10.23 -19.82
CA ASP C 90 2.88 -11.45 -20.45
C ASP C 90 4.00 -12.40 -20.87
N ARG C 91 5.12 -12.35 -20.15
CA ARG C 91 6.27 -13.24 -20.38
C ARG C 91 6.82 -13.72 -19.04
N SER C 92 7.14 -15.01 -18.96
CA SER C 92 7.83 -15.52 -17.78
C SER C 92 9.27 -15.03 -17.76
N ILE C 93 9.61 -14.23 -16.76
CA ILE C 93 10.91 -13.59 -16.71
C ILE C 93 11.62 -14.05 -15.44
N PRO C 94 12.66 -14.88 -15.54
CA PRO C 94 13.42 -15.25 -14.35
C PRO C 94 14.29 -14.10 -13.90
N MET C 95 14.68 -14.13 -12.63
CA MET C 95 15.55 -13.10 -12.09
C MET C 95 16.28 -13.65 -10.87
N THR C 96 17.58 -13.38 -10.80
CA THR C 96 18.38 -13.77 -9.65
C THR C 96 18.52 -12.60 -8.69
N VAL C 97 18.57 -12.90 -7.40
CA VAL C 97 18.82 -11.91 -6.35
C VAL C 97 19.87 -12.48 -5.41
N ASP C 98 20.94 -11.71 -5.17
CA ASP C 98 21.99 -12.11 -4.25
C ASP C 98 22.37 -10.90 -3.41
N PHE C 99 23.30 -11.11 -2.48
CA PHE C 99 23.79 -10.05 -1.61
C PHE C 99 25.31 -10.03 -1.65
N ILE C 100 25.88 -8.83 -1.50
CA ILE C 100 27.32 -8.61 -1.60
C ILE C 100 27.78 -7.78 -0.41
N ARG C 101 29.02 -8.02 0.00
CA ARG C 101 29.68 -7.24 1.05
C ARG C 101 31.15 -7.10 0.70
N LEU C 102 31.81 -6.14 1.35
CA LEU C 102 33.23 -5.88 1.12
C LEU C 102 34.05 -7.17 1.14
N SER C 123 31.12 -15.22 -9.46
CA SER C 123 31.31 -16.55 -10.00
C SER C 123 30.24 -16.88 -11.05
N THR C 124 28.97 -16.83 -10.63
CA THR C 124 27.85 -16.97 -11.55
C THR C 124 27.51 -15.65 -12.25
N LEU C 125 28.42 -14.67 -12.20
CA LEU C 125 28.32 -13.44 -12.98
C LEU C 125 28.99 -13.58 -14.34
N THR C 126 28.87 -14.76 -14.95
CA THR C 126 29.65 -15.08 -16.14
C THR C 126 29.30 -14.16 -17.30
N GLY C 127 28.01 -14.02 -17.60
CA GLY C 127 27.62 -13.20 -18.73
C GLY C 127 26.15 -12.83 -18.73
N LYS C 128 25.67 -12.34 -17.60
CA LYS C 128 24.32 -11.82 -17.51
C LYS C 128 24.40 -10.35 -17.10
N ASN C 129 23.31 -9.62 -17.31
CA ASN C 129 23.28 -8.22 -16.91
C ASN C 129 23.28 -8.14 -15.39
N VAL C 130 24.35 -7.61 -14.82
CA VAL C 130 24.43 -7.42 -13.37
C VAL C 130 23.88 -6.04 -13.03
N LEU C 131 22.97 -6.01 -12.06
CA LEU C 131 22.42 -4.79 -11.52
C LEU C 131 22.86 -4.68 -10.06
N ILE C 132 23.69 -3.70 -9.76
CA ILE C 132 24.13 -3.44 -8.39
C ILE C 132 23.26 -2.32 -7.82
N VAL C 133 22.64 -2.59 -6.68
CA VAL C 133 21.68 -1.69 -6.06
C VAL C 133 22.31 -1.16 -4.78
N GLU C 134 22.28 0.16 -4.60
CA GLU C 134 22.88 0.80 -3.44
C GLU C 134 21.90 1.83 -2.90
N ASP C 135 21.96 2.08 -1.59
CA ASP C 135 21.12 3.12 -1.02
C ASP C 135 21.74 4.50 -1.22
N ILE C 136 23.01 4.66 -0.90
CA ILE C 136 23.63 5.98 -0.94
C ILE C 136 25.03 5.89 -1.54
N ILE C 137 25.39 6.88 -2.33
CA ILE C 137 26.75 7.07 -2.81
C ILE C 137 27.24 8.41 -2.27
N ASP C 138 28.29 8.36 -1.45
CA ASP C 138 28.89 9.56 -0.87
C ASP C 138 30.10 9.96 -1.70
N THR C 139 31.30 9.50 -1.29
CA THR C 139 32.49 9.76 -2.08
C THR C 139 32.49 8.99 -3.39
N GLY C 140 31.85 7.82 -3.43
CA GLY C 140 31.88 6.96 -4.59
C GLY C 140 32.95 5.89 -4.59
N LYS C 141 33.78 5.82 -3.55
CA LYS C 141 34.89 4.88 -3.57
C LYS C 141 34.43 3.44 -3.44
N THR C 142 33.33 3.21 -2.71
CA THR C 142 32.79 1.86 -2.59
C THR C 142 32.37 1.31 -3.95
N MET C 143 31.56 2.07 -4.69
CA MET C 143 31.17 1.62 -6.02
C MET C 143 32.39 1.42 -6.92
N GLN C 144 33.30 2.39 -6.93
CA GLN C 144 34.51 2.25 -7.73
C GLN C 144 35.24 0.95 -7.41
N THR C 145 35.38 0.64 -6.11
CA THR C 145 36.05 -0.60 -5.75
C THR C 145 35.25 -1.81 -6.21
N LEU C 146 33.94 -1.82 -5.93
CA LEU C 146 33.12 -2.99 -6.25
C LEU C 146 33.11 -3.27 -7.75
N LEU C 147 32.91 -2.22 -8.56
CA LEU C 147 32.86 -2.41 -10.00
C LEU C 147 34.19 -2.92 -10.56
N SER C 148 35.31 -2.63 -9.89
CA SER C 148 36.58 -3.17 -10.33
C SER C 148 36.64 -4.68 -10.12
N LEU C 149 36.11 -5.15 -8.98
CA LEU C 149 36.10 -6.58 -8.71
C LEU C 149 35.07 -7.30 -9.59
N VAL C 150 33.90 -6.70 -9.78
CA VAL C 150 32.85 -7.38 -10.53
C VAL C 150 33.21 -7.48 -12.01
N ARG C 151 33.74 -6.40 -12.58
CA ARG C 151 34.15 -6.43 -13.98
C ARG C 151 35.27 -7.44 -14.23
N GLN C 152 35.99 -7.84 -13.18
CA GLN C 152 37.00 -8.88 -13.35
C GLN C 152 36.37 -10.18 -13.85
N TYR C 153 35.22 -10.54 -13.30
CA TYR C 153 34.53 -11.76 -13.72
C TYR C 153 33.90 -11.64 -15.09
N ASN C 154 34.09 -10.52 -15.79
CA ASN C 154 33.58 -10.32 -17.14
C ASN C 154 32.09 -10.67 -17.25
N PRO C 155 31.21 -9.84 -16.73
CA PRO C 155 29.78 -10.00 -17.03
C PRO C 155 29.43 -9.34 -18.34
N LYS C 156 28.27 -9.73 -18.89
CA LYS C 156 27.79 -9.08 -20.11
C LYS C 156 27.68 -7.58 -19.91
N MET C 157 27.07 -7.18 -18.79
CA MET C 157 26.90 -5.78 -18.47
C MET C 157 26.79 -5.67 -16.97
N VAL C 158 27.34 -4.60 -16.42
CA VAL C 158 27.15 -4.27 -15.01
C VAL C 158 26.65 -2.84 -14.93
N LYS C 159 25.56 -2.65 -14.20
CA LYS C 159 24.93 -1.35 -14.03
C LYS C 159 24.72 -1.09 -12.56
N VAL C 160 24.70 0.18 -12.18
CA VAL C 160 24.58 0.56 -10.78
C VAL C 160 23.35 1.44 -10.62
N ALA C 161 22.51 1.10 -9.65
CA ALA C 161 21.36 1.92 -9.27
C ALA C 161 21.55 2.35 -7.83
N SER C 162 21.44 3.64 -7.59
CA SER C 162 21.58 4.19 -6.25
C SER C 162 20.36 5.03 -5.93
N LEU C 163 19.90 4.96 -4.69
CA LEU C 163 18.79 5.84 -4.30
C LEU C 163 19.27 7.27 -4.18
N LEU C 164 20.35 7.49 -3.44
CA LEU C 164 20.88 8.82 -3.22
C LEU C 164 22.31 8.91 -3.73
N VAL C 165 22.60 10.02 -4.38
CA VAL C 165 23.96 10.42 -4.70
C VAL C 165 24.15 11.80 -4.08
N LYS C 166 25.12 11.90 -3.16
CA LYS C 166 25.40 13.16 -2.49
C LYS C 166 26.26 14.05 -3.38
N ARG C 167 25.97 15.36 -3.34
CA ARG C 167 26.77 16.38 -4.03
C ARG C 167 27.89 16.79 -3.08
N THR C 168 29.02 16.09 -3.15
CA THR C 168 30.05 16.25 -2.13
C THR C 168 31.39 16.59 -2.78
N PRO C 169 32.11 17.60 -2.29
CA PRO C 169 33.47 17.84 -2.80
C PRO C 169 34.38 16.65 -2.62
N ARG C 170 34.03 15.70 -1.76
CA ARG C 170 34.82 14.50 -1.55
C ARG C 170 34.63 13.47 -2.65
N SER C 171 33.79 13.76 -3.64
CA SER C 171 33.47 12.77 -4.66
C SER C 171 34.69 12.44 -5.50
N VAL C 172 34.83 11.15 -5.83
CA VAL C 172 35.92 10.70 -6.70
C VAL C 172 35.43 10.74 -8.14
N GLY C 173 34.26 11.33 -8.36
CA GLY C 173 33.74 11.51 -9.70
C GLY C 173 32.89 10.37 -10.23
N TYR C 174 32.62 9.32 -9.46
CA TYR C 174 31.78 8.24 -9.95
C TYR C 174 30.31 8.66 -9.94
N LYS C 175 29.64 8.49 -11.08
CA LYS C 175 28.22 8.74 -11.16
C LYS C 175 27.49 7.48 -11.62
N PRO C 176 26.49 7.02 -10.87
CA PRO C 176 25.85 5.74 -11.21
C PRO C 176 25.02 5.87 -12.47
N ASP C 177 24.61 4.70 -12.99
CA ASP C 177 23.81 4.69 -14.21
C ASP C 177 22.38 5.16 -13.93
N PHE C 178 21.83 4.78 -12.78
CA PHE C 178 20.50 5.21 -12.38
C PHE C 178 20.60 5.87 -11.02
N VAL C 179 20.02 7.06 -10.90
CA VAL C 179 20.05 7.82 -9.65
C VAL C 179 18.62 8.15 -9.26
N GLY C 180 18.27 7.86 -8.01
CA GLY C 180 17.01 8.32 -7.47
C GLY C 180 17.09 9.82 -7.23
N PHE C 181 17.93 10.22 -6.27
CA PHE C 181 18.00 11.60 -5.83
C PHE C 181 19.45 12.05 -5.70
N GLU C 182 19.74 13.25 -6.19
CA GLU C 182 21.01 13.92 -5.94
C GLU C 182 20.78 14.99 -4.88
N ILE C 183 21.43 14.83 -3.73
CA ILE C 183 21.12 15.65 -2.56
C ILE C 183 22.34 16.47 -2.13
N PRO C 184 22.17 17.44 -1.24
CA PRO C 184 23.32 18.16 -0.69
C PRO C 184 24.13 17.29 0.26
N ASP C 185 25.33 17.78 0.56
CA ASP C 185 26.28 17.07 1.42
C ASP C 185 25.87 17.23 2.88
N LYS C 186 24.82 16.48 3.26
CA LYS C 186 24.37 16.41 4.64
C LYS C 186 24.23 14.94 5.05
N PHE C 187 24.44 14.66 6.33
CA PHE C 187 24.31 13.29 6.84
C PHE C 187 22.82 12.99 7.03
N VAL C 188 22.27 12.11 6.20
CA VAL C 188 20.84 11.81 6.18
C VAL C 188 20.60 10.45 6.83
N VAL C 189 19.37 10.29 7.33
CA VAL C 189 18.92 9.04 7.95
C VAL C 189 17.47 8.78 7.52
N GLY C 190 17.00 7.58 7.83
CA GLY C 190 15.63 7.23 7.47
C GLY C 190 15.58 6.42 6.18
N TYR C 191 14.54 5.59 6.07
CA TYR C 191 14.38 4.69 4.94
C TYR C 191 15.71 4.07 4.53
N ALA C 192 15.98 2.83 4.94
CA ALA C 192 17.17 2.14 4.45
C ALA C 192 18.47 2.67 5.05
N LEU C 193 18.51 3.93 5.50
CA LEU C 193 19.72 4.52 6.06
C LEU C 193 19.60 4.58 7.59
N ASP C 194 20.28 3.67 8.27
CA ASP C 194 20.31 3.68 9.71
C ASP C 194 21.53 4.45 10.22
N TYR C 195 21.54 4.71 11.52
CA TYR C 195 22.67 5.35 12.18
C TYR C 195 22.91 4.58 13.48
N ASN C 196 23.92 3.72 13.48
CA ASN C 196 24.19 2.83 14.60
C ASN C 196 22.91 2.11 15.02
N GLU C 197 22.23 1.52 14.04
CA GLU C 197 21.03 0.72 14.20
C GLU C 197 19.81 1.54 14.60
N TYR C 198 19.95 2.86 14.68
CA TYR C 198 18.84 3.76 15.00
C TYR C 198 18.25 4.37 13.72
N PHE C 199 16.99 4.77 13.82
CA PHE C 199 16.23 5.38 12.73
C PHE C 199 15.68 4.38 11.73
N ARG C 200 15.72 3.07 12.02
CA ARG C 200 15.22 2.09 11.07
C ARG C 200 13.73 2.30 10.80
N ASP C 201 12.97 2.54 11.88
CA ASP C 201 11.54 2.80 11.83
C ASP C 201 11.20 4.18 11.30
N LEU C 202 12.18 5.03 11.01
CA LEU C 202 11.92 6.30 10.34
C LEU C 202 11.79 6.05 8.85
N ASN C 203 10.66 6.49 8.27
CA ASN C 203 10.31 6.18 6.89
C ASN C 203 10.83 7.19 5.88
N HIS C 204 11.04 8.43 6.28
CA HIS C 204 11.46 9.49 5.37
C HIS C 204 12.97 9.69 5.45
N VAL C 205 13.56 10.18 4.36
CA VAL C 205 14.95 10.58 4.38
C VAL C 205 15.01 11.97 4.99
N ALA C 206 15.64 12.08 6.16
CA ALA C 206 15.74 13.34 6.89
C ALA C 206 17.19 13.63 7.23
N VAL C 207 17.50 14.90 7.43
CA VAL C 207 18.81 15.30 7.91
C VAL C 207 18.86 15.10 9.41
N ILE C 208 19.94 14.49 9.89
CA ILE C 208 20.16 14.28 11.32
C ILE C 208 20.57 15.59 11.96
N SER C 209 20.18 15.77 13.22
CA SER C 209 20.58 16.93 13.99
C SER C 209 21.82 16.62 14.81
N GLU C 210 22.54 17.68 15.19
CA GLU C 210 23.70 17.48 16.05
C GLU C 210 23.31 16.80 17.35
N THR C 211 22.18 17.21 17.94
CA THR C 211 21.68 16.51 19.12
C THR C 211 21.37 15.05 18.83
N GLY C 212 20.91 14.75 17.61
CA GLY C 212 20.63 13.38 17.26
C GLY C 212 21.90 12.58 17.01
N LYS C 213 22.90 13.19 16.37
CA LYS C 213 24.11 12.44 16.05
C LYS C 213 24.94 12.15 17.30
N ALA C 214 24.80 12.98 18.33
CA ALA C 214 25.49 12.71 19.60
C ALA C 214 24.72 11.69 20.43
N LYS C 215 23.39 11.77 20.40
CA LYS C 215 22.58 10.90 21.23
C LYS C 215 22.78 9.43 20.90
N TYR C 216 23.00 9.09 19.63
CA TYR C 216 23.11 7.70 19.22
C TYR C 216 24.52 7.30 18.80
N LYS C 217 25.51 8.17 18.99
CA LYS C 217 26.89 7.82 18.67
C LYS C 217 27.24 6.44 19.22
N ALA C 218 27.88 5.63 18.38
CA ALA C 218 28.27 4.28 18.77
C ALA C 218 29.30 4.31 19.88
N SER D 5 -19.95 -16.44 -12.35
CA SER D 5 -19.50 -17.18 -11.17
C SER D 5 -20.09 -16.62 -9.89
N PRO D 6 -20.35 -17.49 -8.91
CA PRO D 6 -20.87 -17.01 -7.62
C PRO D 6 -19.81 -16.34 -6.75
N GLY D 7 -18.59 -16.18 -7.28
CA GLY D 7 -17.52 -15.56 -6.51
C GLY D 7 -16.90 -16.53 -5.51
N VAL D 8 -16.21 -15.96 -4.53
CA VAL D 8 -15.60 -16.73 -3.45
C VAL D 8 -16.70 -17.16 -2.49
N VAL D 9 -16.91 -18.46 -2.36
CA VAL D 9 -18.00 -19.00 -1.56
C VAL D 9 -17.46 -19.39 -0.20
N ILE D 10 -17.88 -18.68 0.84
CA ILE D 10 -17.66 -19.09 2.23
C ILE D 10 -18.89 -19.89 2.66
N SER D 11 -18.72 -21.19 2.83
CA SER D 11 -19.86 -22.08 3.09
C SER D 11 -20.35 -21.95 4.53
N ASP D 12 -21.57 -22.45 4.75
CA ASP D 12 -22.16 -22.41 6.09
C ASP D 12 -21.33 -23.19 7.10
N ASP D 13 -20.56 -24.19 6.63
CA ASP D 13 -19.77 -25.02 7.54
C ASP D 13 -18.40 -24.43 7.84
N GLU D 14 -17.87 -23.59 6.97
CA GLU D 14 -16.62 -22.89 7.23
C GLU D 14 -16.79 -21.98 8.45
N PRO D 15 -16.03 -22.18 9.53
CA PRO D 15 -16.18 -21.32 10.70
C PRO D 15 -15.59 -19.93 10.51
N GLY D 16 -14.57 -19.77 9.66
CA GLY D 16 -13.89 -18.50 9.54
C GLY D 16 -12.50 -18.57 10.16
N TYR D 17 -12.05 -17.50 10.81
CA TYR D 17 -10.74 -17.49 11.46
C TYR D 17 -10.87 -17.04 12.91
N ASP D 18 -10.05 -17.63 13.77
CA ASP D 18 -9.97 -17.19 15.16
C ASP D 18 -9.50 -15.73 15.21
N LEU D 19 -10.06 -14.95 16.14
CA LEU D 19 -9.65 -13.55 16.22
C LEU D 19 -8.15 -13.43 16.47
N ASP D 20 -7.54 -14.43 17.11
CA ASP D 20 -6.13 -14.35 17.49
C ASP D 20 -5.17 -14.47 16.31
N LEU D 21 -5.61 -15.05 15.20
CA LEU D 21 -4.73 -15.23 14.06
C LEU D 21 -4.48 -13.94 13.29
N PHE D 22 -5.28 -12.90 13.50
CA PHE D 22 -5.14 -11.68 12.74
C PHE D 22 -5.12 -10.49 13.69
N ALA D 23 -4.69 -9.35 13.17
CA ALA D 23 -4.65 -8.13 13.98
C ALA D 23 -6.05 -7.54 14.07
N ILE D 24 -6.51 -7.29 15.29
CA ILE D 24 -7.83 -6.74 15.56
C ILE D 24 -7.71 -5.57 16.52
N PRO D 25 -8.42 -4.46 16.31
CA PRO D 25 -8.41 -3.39 17.30
C PRO D 25 -8.86 -3.91 18.67
N ASN D 26 -8.12 -3.52 19.71
CA ASN D 26 -8.38 -4.11 21.02
C ASN D 26 -9.77 -3.74 21.54
N HIS D 27 -10.26 -2.56 21.23
CA HIS D 27 -11.59 -2.16 21.68
C HIS D 27 -12.71 -3.01 21.07
N TYR D 28 -12.38 -3.94 20.16
CA TYR D 28 -13.40 -4.81 19.56
C TYR D 28 -13.19 -6.28 19.90
N ALA D 29 -12.27 -6.59 20.82
CA ALA D 29 -11.96 -7.99 21.10
C ALA D 29 -13.21 -8.76 21.52
N GLU D 30 -13.97 -8.21 22.47
CA GLU D 30 -15.19 -8.83 22.95
C GLU D 30 -16.39 -8.59 22.04
N ASP D 31 -16.24 -7.74 21.03
CA ASP D 31 -17.37 -7.37 20.18
C ASP D 31 -17.49 -8.27 18.94
N LEU D 32 -16.45 -9.03 18.61
CA LEU D 32 -16.45 -9.84 17.40
C LEU D 32 -16.48 -11.32 17.77
N GLU D 33 -17.18 -12.10 16.96
CA GLU D 33 -17.19 -13.54 17.15
C GLU D 33 -16.02 -14.19 16.42
N ARG D 34 -15.67 -13.69 15.23
CA ARG D 34 -14.78 -14.40 14.34
C ARG D 34 -14.56 -13.56 13.09
N VAL D 35 -13.50 -13.88 12.36
CA VAL D 35 -13.08 -13.14 11.17
C VAL D 35 -13.44 -13.97 9.94
N PHE D 36 -14.26 -13.42 9.05
CA PHE D 36 -14.62 -14.10 7.82
C PHE D 36 -13.66 -13.80 6.68
N ILE D 37 -13.39 -12.52 6.43
CA ILE D 37 -12.63 -12.11 5.25
C ILE D 37 -11.58 -11.09 5.68
N PRO D 38 -10.32 -11.49 5.85
CA PRO D 38 -9.28 -10.50 6.17
C PRO D 38 -9.21 -9.40 5.12
N HIS D 39 -8.90 -8.19 5.59
CA HIS D 39 -8.78 -7.04 4.69
C HIS D 39 -7.98 -7.38 3.45
N GLY D 40 -6.91 -8.17 3.61
CA GLY D 40 -6.06 -8.49 2.49
C GLY D 40 -6.72 -9.37 1.45
N LEU D 41 -7.56 -10.31 1.89
CA LEU D 41 -8.28 -11.12 0.93
C LEU D 41 -9.33 -10.30 0.19
N ILE D 42 -9.92 -9.30 0.86
CA ILE D 42 -10.87 -8.42 0.19
C ILE D 42 -10.19 -7.67 -0.95
N MET D 43 -8.97 -7.18 -0.71
CA MET D 43 -8.26 -6.42 -1.75
C MET D 43 -7.91 -7.32 -2.93
N ASP D 44 -7.40 -8.51 -2.65
CA ASP D 44 -7.05 -9.43 -3.73
C ASP D 44 -8.28 -9.80 -4.56
N ARG D 45 -9.43 -9.98 -3.91
CA ARG D 45 -10.64 -10.28 -4.67
C ARG D 45 -11.13 -9.05 -5.42
N THR D 46 -11.05 -7.88 -4.78
CA THR D 46 -11.51 -6.66 -5.42
C THR D 46 -10.67 -6.31 -6.65
N GLU D 47 -9.36 -6.55 -6.58
CA GLU D 47 -8.54 -6.32 -7.77
C GLU D 47 -9.02 -7.17 -8.93
N ARG D 48 -9.45 -8.40 -8.65
CA ARG D 48 -9.92 -9.27 -9.73
C ARG D 48 -11.27 -8.80 -10.26
N LEU D 49 -12.14 -8.30 -9.36
CA LEU D 49 -13.40 -7.71 -9.80
C LEU D 49 -13.15 -6.52 -10.74
N ALA D 50 -12.16 -5.69 -10.44
CA ALA D 50 -11.90 -4.55 -11.31
C ALA D 50 -11.54 -5.00 -12.72
N ARG D 51 -10.78 -6.10 -12.84
CA ARG D 51 -10.41 -6.61 -14.16
C ARG D 51 -11.60 -7.22 -14.87
N ASP D 52 -12.50 -7.89 -14.14
CA ASP D 52 -13.69 -8.43 -14.79
C ASP D 52 -14.57 -7.31 -15.33
N VAL D 53 -14.77 -6.26 -14.52
CA VAL D 53 -15.58 -5.12 -14.94
C VAL D 53 -14.95 -4.44 -16.16
N MET D 54 -13.65 -4.16 -16.11
CA MET D 54 -13.03 -3.45 -17.22
C MET D 54 -13.04 -4.30 -18.49
N LYS D 55 -12.78 -5.61 -18.37
CA LYS D 55 -12.83 -6.47 -19.54
C LYS D 55 -14.23 -6.51 -20.14
N GLU D 56 -15.26 -6.38 -19.33
CA GLU D 56 -16.64 -6.50 -19.80
C GLU D 56 -17.26 -5.16 -20.20
N MET D 57 -16.95 -4.09 -19.44
CA MET D 57 -17.53 -2.77 -19.68
C MET D 57 -16.52 -1.66 -19.86
N GLY D 58 -15.25 -1.88 -19.55
CA GLY D 58 -14.32 -0.77 -19.50
C GLY D 58 -13.80 -0.29 -20.83
N GLY D 59 -14.37 -0.77 -21.94
CA GLY D 59 -13.86 -0.36 -23.24
C GLY D 59 -13.92 1.14 -23.43
N HIS D 60 -14.98 1.76 -22.92
CA HIS D 60 -15.21 3.19 -23.09
C HIS D 60 -15.60 3.80 -21.75
N HIS D 61 -16.22 4.98 -21.82
CA HIS D 61 -16.71 5.69 -20.65
C HIS D 61 -17.76 4.86 -19.92
N ILE D 62 -17.66 4.81 -18.60
CA ILE D 62 -18.70 4.24 -17.77
C ILE D 62 -19.15 5.27 -16.74
N VAL D 63 -20.34 5.06 -16.21
CA VAL D 63 -20.85 5.78 -15.05
C VAL D 63 -20.86 4.79 -13.89
N ALA D 64 -19.98 5.00 -12.92
CA ALA D 64 -19.93 4.18 -11.73
C ALA D 64 -20.75 4.85 -10.63
N LEU D 65 -21.70 4.10 -10.07
CA LEU D 65 -22.65 4.64 -9.10
C LEU D 65 -22.49 3.93 -7.77
N CYS D 66 -22.16 4.69 -6.73
CA CYS D 66 -22.14 4.16 -5.36
C CYS D 66 -23.48 4.43 -4.69
N VAL D 67 -24.10 3.36 -4.17
CA VAL D 67 -25.35 3.48 -3.42
C VAL D 67 -25.03 3.97 -2.01
N LEU D 68 -25.57 5.14 -1.66
CA LEU D 68 -25.23 5.75 -0.38
C LEU D 68 -25.84 4.99 0.78
N LYS D 69 -25.47 5.41 1.99
CA LYS D 69 -25.80 4.66 3.21
C LYS D 69 -25.30 3.22 3.09
N GLY D 70 -24.11 3.07 2.52
CA GLY D 70 -23.57 1.75 2.22
C GLY D 70 -22.07 1.68 2.36
N GLY D 71 -21.43 0.99 1.42
CA GLY D 71 -20.00 0.73 1.48
C GLY D 71 -19.18 1.64 0.61
N TYR D 72 -19.01 2.89 1.05
CA TYR D 72 -18.17 3.84 0.32
CA TYR D 72 -18.17 3.84 0.32
C TYR D 72 -16.74 3.30 0.20
N LYS D 73 -16.27 2.61 1.23
CA LYS D 73 -14.89 2.12 1.23
C LYS D 73 -14.63 1.14 0.09
N PHE D 74 -15.64 0.30 -0.24
CA PHE D 74 -15.48 -0.68 -1.31
C PHE D 74 -15.58 -0.02 -2.68
N PHE D 75 -16.46 0.97 -2.80
CA PHE D 75 -16.46 1.79 -4.00
C PHE D 75 -15.09 2.41 -4.22
N ALA D 76 -14.46 2.91 -3.16
CA ALA D 76 -13.18 3.60 -3.30
C ALA D 76 -12.07 2.66 -3.74
N ASP D 77 -11.97 1.48 -3.14
CA ASP D 77 -10.95 0.53 -3.54
C ASP D 77 -11.19 0.01 -4.95
N LEU D 78 -12.44 -0.31 -5.29
CA LEU D 78 -12.72 -0.80 -6.63
C LEU D 78 -12.37 0.23 -7.68
N LEU D 79 -12.70 1.50 -7.43
CA LEU D 79 -12.33 2.57 -8.35
C LEU D 79 -10.81 2.77 -8.37
N ASP D 80 -10.14 2.59 -7.23
CA ASP D 80 -8.67 2.62 -7.24
C ASP D 80 -8.12 1.54 -8.16
N TYR D 81 -8.68 0.33 -8.11
CA TYR D 81 -8.17 -0.74 -8.96
C TYR D 81 -8.50 -0.47 -10.42
N ILE D 82 -9.72 -0.01 -10.70
CA ILE D 82 -10.08 0.34 -12.07
C ILE D 82 -9.13 1.40 -12.61
N LYS D 83 -8.87 2.45 -11.82
CA LYS D 83 -7.97 3.49 -12.29
C LYS D 83 -6.59 2.92 -12.61
N ALA D 84 -6.12 1.95 -11.83
CA ALA D 84 -4.79 1.41 -12.11
C ALA D 84 -4.77 0.70 -13.46
N LEU D 85 -5.85 -0.02 -13.80
CA LEU D 85 -5.95 -0.62 -15.13
C LEU D 85 -5.92 0.46 -16.21
N ASN D 86 -6.80 1.47 -16.10
CA ASN D 86 -6.78 2.56 -17.07
C ASN D 86 -5.39 3.20 -17.14
N ARG D 87 -4.73 3.36 -15.99
CA ARG D 87 -3.41 3.97 -15.94
C ARG D 87 -2.38 3.20 -16.76
N ASN D 88 -2.64 1.95 -17.13
CA ASN D 88 -1.71 1.18 -17.95
C ASN D 88 -2.30 0.76 -19.29
N SER D 89 -3.42 1.34 -19.72
CA SER D 89 -3.87 1.13 -21.08
C SER D 89 -3.23 2.17 -21.98
N ASP D 90 -3.54 2.11 -23.28
CA ASP D 90 -3.02 3.10 -24.22
C ASP D 90 -3.99 4.22 -24.48
N ARG D 91 -5.22 4.13 -23.96
CA ARG D 91 -6.26 5.10 -24.22
CA ARG D 91 -6.27 5.08 -24.21
C ARG D 91 -6.58 5.88 -22.95
N SER D 92 -6.95 7.14 -23.13
CA SER D 92 -7.42 7.95 -22.01
C SER D 92 -8.94 7.77 -21.97
N ILE D 93 -9.40 6.97 -21.00
CA ILE D 93 -10.81 6.60 -20.89
C ILE D 93 -11.44 7.50 -19.84
N PRO D 94 -12.38 8.39 -20.20
CA PRO D 94 -13.06 9.19 -19.20
C PRO D 94 -14.02 8.34 -18.37
N MET D 95 -14.44 8.90 -17.24
CA MET D 95 -15.22 8.13 -16.28
C MET D 95 -16.02 9.07 -15.39
N THR D 96 -17.33 8.84 -15.31
CA THR D 96 -18.20 9.57 -14.39
C THR D 96 -18.40 8.75 -13.13
N VAL D 97 -18.21 9.38 -11.97
CA VAL D 97 -18.52 8.76 -10.68
C VAL D 97 -19.57 9.61 -9.98
N ASP D 98 -20.61 8.96 -9.49
CA ASP D 98 -21.70 9.64 -8.79
C ASP D 98 -22.17 8.74 -7.66
N PHE D 99 -22.96 9.33 -6.76
CA PHE D 99 -23.54 8.63 -5.64
C PHE D 99 -25.05 8.72 -5.75
N ILE D 100 -25.73 7.59 -5.57
CA ILE D 100 -27.17 7.55 -5.66
C ILE D 100 -27.73 7.08 -4.32
N ARG D 101 -28.95 7.51 -4.04
CA ARG D 101 -29.61 7.21 -2.78
C ARG D 101 -31.09 6.99 -3.04
N LEU D 102 -31.60 5.85 -2.59
CA LEU D 102 -33.03 5.56 -2.69
C LEU D 102 -33.73 5.91 -1.38
N SER D 123 -30.71 11.80 -15.09
CA SER D 123 -31.05 12.12 -16.47
C SER D 123 -29.90 11.80 -17.42
N THR D 124 -28.68 12.10 -16.99
CA THR D 124 -27.50 11.87 -17.82
C THR D 124 -27.04 10.40 -17.81
N LEU D 125 -27.87 9.48 -17.32
CA LEU D 125 -27.56 8.05 -17.40
C LEU D 125 -27.89 7.46 -18.76
N THR D 126 -28.80 8.09 -19.50
CA THR D 126 -29.29 7.53 -20.76
C THR D 126 -28.16 7.44 -21.78
N GLY D 127 -28.00 6.26 -22.37
CA GLY D 127 -27.01 6.03 -23.40
C GLY D 127 -25.64 5.63 -22.91
N LYS D 128 -25.43 5.50 -21.61
CA LYS D 128 -24.10 5.22 -21.07
C LYS D 128 -24.07 3.84 -20.42
N ASN D 129 -22.85 3.34 -20.23
CA ASN D 129 -22.61 2.12 -19.46
C ASN D 129 -22.63 2.47 -17.98
N VAL D 130 -23.51 1.83 -17.22
CA VAL D 130 -23.69 2.14 -15.80
C VAL D 130 -23.27 0.93 -14.97
N LEU D 131 -22.28 1.11 -14.11
CA LEU D 131 -21.88 0.13 -13.11
C LEU D 131 -22.40 0.59 -11.75
N ILE D 132 -23.25 -0.21 -11.13
CA ILE D 132 -23.75 0.06 -9.79
C ILE D 132 -22.94 -0.74 -8.79
N VAL D 133 -22.40 -0.05 -7.79
CA VAL D 133 -21.50 -0.67 -6.81
C VAL D 133 -22.18 -0.67 -5.45
N GLU D 134 -22.38 -1.85 -4.91
CA GLU D 134 -22.96 -2.05 -3.59
C GLU D 134 -21.99 -2.85 -2.73
N ASP D 135 -22.05 -2.60 -1.40
CA ASP D 135 -21.18 -3.29 -0.46
C ASP D 135 -21.77 -4.64 -0.04
N ILE D 136 -23.05 -4.66 0.35
CA ILE D 136 -23.70 -5.90 0.74
C ILE D 136 -25.08 -5.99 0.08
N ILE D 137 -25.45 -7.22 -0.25
CA ILE D 137 -26.78 -7.55 -0.75
C ILE D 137 -27.34 -8.60 0.19
N ASP D 138 -28.34 -8.20 0.98
CA ASP D 138 -28.95 -9.10 1.95
C ASP D 138 -30.20 -9.74 1.36
N THR D 139 -31.35 -9.07 1.48
CA THR D 139 -32.56 -9.59 0.85
C THR D 139 -32.54 -9.40 -0.66
N GLY D 140 -31.82 -8.39 -1.14
CA GLY D 140 -31.84 -8.04 -2.55
C GLY D 140 -32.89 -7.04 -2.96
N LYS D 141 -33.71 -6.56 -2.02
CA LYS D 141 -34.79 -5.66 -2.38
C LYS D 141 -34.25 -4.31 -2.86
N THR D 142 -33.28 -3.76 -2.13
CA THR D 142 -32.70 -2.47 -2.51
C THR D 142 -32.23 -2.49 -3.97
N MET D 143 -31.48 -3.53 -4.34
CA MET D 143 -30.97 -3.61 -5.70
C MET D 143 -32.09 -3.85 -6.71
N GLN D 144 -33.05 -4.71 -6.35
CA GLN D 144 -34.20 -4.94 -7.23
C GLN D 144 -34.94 -3.64 -7.52
N THR D 145 -35.11 -2.80 -6.49
CA THR D 145 -35.78 -1.51 -6.69
C THR D 145 -34.90 -0.56 -7.50
N LEU D 146 -33.61 -0.47 -7.15
CA LEU D 146 -32.73 0.48 -7.82
C LEU D 146 -32.71 0.26 -9.32
N LEU D 147 -32.62 -1.00 -9.75
CA LEU D 147 -32.51 -1.28 -11.18
C LEU D 147 -33.73 -0.80 -11.95
N SER D 148 -34.93 -1.03 -11.41
CA SER D 148 -36.13 -0.55 -12.08
C SER D 148 -36.06 0.97 -12.31
N LEU D 149 -35.62 1.71 -11.29
CA LEU D 149 -35.47 3.15 -11.47
C LEU D 149 -34.48 3.47 -12.58
N VAL D 150 -33.27 2.92 -12.50
CA VAL D 150 -32.22 3.24 -13.46
C VAL D 150 -32.64 2.85 -14.87
N ARG D 151 -33.36 1.74 -15.01
CA ARG D 151 -33.74 1.25 -16.34
C ARG D 151 -34.86 2.05 -16.96
N GLN D 152 -35.65 2.78 -16.16
CA GLN D 152 -36.63 3.69 -16.73
C GLN D 152 -35.98 4.88 -17.42
N TYR D 153 -34.72 5.19 -17.10
CA TYR D 153 -33.95 6.17 -17.86
C TYR D 153 -33.22 5.55 -19.03
N ASN D 154 -33.57 4.31 -19.40
CA ASN D 154 -33.08 3.56 -20.55
C ASN D 154 -31.59 3.79 -20.79
N PRO D 155 -30.71 3.11 -20.06
CA PRO D 155 -29.28 3.15 -20.39
C PRO D 155 -28.91 1.94 -21.25
N LYS D 156 -27.87 2.15 -22.06
CA LYS D 156 -27.41 1.05 -22.92
C LYS D 156 -27.14 -0.22 -22.11
N MET D 157 -26.53 -0.08 -20.95
CA MET D 157 -26.07 -1.23 -20.17
C MET D 157 -25.98 -0.83 -18.71
N VAL D 158 -26.62 -1.62 -17.84
CA VAL D 158 -26.54 -1.43 -16.40
C VAL D 158 -26.10 -2.75 -15.79
N LYS D 159 -24.97 -2.72 -15.08
CA LYS D 159 -24.42 -3.88 -14.39
C LYS D 159 -24.27 -3.55 -12.92
N VAL D 160 -24.28 -4.59 -12.09
CA VAL D 160 -24.18 -4.43 -10.64
C VAL D 160 -22.99 -5.22 -10.14
N ALA D 161 -22.19 -4.60 -9.28
CA ALA D 161 -21.12 -5.28 -8.57
C ALA D 161 -21.37 -5.15 -7.08
N SER D 162 -21.38 -6.29 -6.38
CA SER D 162 -21.56 -6.31 -4.94
C SER D 162 -20.38 -7.03 -4.31
N LEU D 163 -19.81 -6.44 -3.26
CA LEU D 163 -18.71 -7.08 -2.54
C LEU D 163 -19.17 -8.39 -1.92
N LEU D 164 -20.22 -8.33 -1.10
CA LEU D 164 -20.75 -9.50 -0.40
C LEU D 164 -22.17 -9.76 -0.86
N VAL D 165 -22.46 -11.03 -1.13
CA VAL D 165 -23.83 -11.49 -1.32
C VAL D 165 -24.11 -12.49 -0.21
N LYS D 166 -25.07 -12.17 0.66
CA LYS D 166 -25.39 -13.06 1.76
C LYS D 166 -26.35 -14.14 1.28
N ARG D 167 -26.07 -15.38 1.67
CA ARG D 167 -26.98 -16.50 1.43
C ARG D 167 -28.06 -16.47 2.51
N THR D 168 -29.26 -16.06 2.14
CA THR D 168 -30.31 -15.89 3.13
C THR D 168 -31.63 -16.39 2.56
N PRO D 169 -32.41 -17.12 3.36
CA PRO D 169 -33.78 -17.44 2.93
C PRO D 169 -34.64 -16.21 2.73
N ARG D 170 -34.24 -15.07 3.29
CA ARG D 170 -34.99 -13.83 3.13
C ARG D 170 -34.74 -13.17 1.78
N SER D 171 -33.94 -13.79 0.91
CA SER D 171 -33.54 -13.18 -0.35
C SER D 171 -34.61 -13.36 -1.41
N VAL D 172 -34.89 -12.27 -2.14
CA VAL D 172 -35.81 -12.35 -3.27
C VAL D 172 -35.25 -13.11 -4.45
N GLY D 173 -33.96 -13.44 -4.43
CA GLY D 173 -33.35 -14.22 -5.49
C GLY D 173 -32.54 -13.45 -6.50
N TYR D 174 -32.25 -12.17 -6.26
CA TYR D 174 -31.47 -11.40 -7.23
C TYR D 174 -30.01 -11.89 -7.27
N LYS D 175 -29.39 -11.74 -8.44
CA LYS D 175 -28.03 -12.22 -8.68
C LYS D 175 -27.20 -11.12 -9.34
N PRO D 176 -26.32 -10.46 -8.58
CA PRO D 176 -25.50 -9.40 -9.17
C PRO D 176 -24.63 -9.92 -10.31
N ASP D 177 -24.24 -9.01 -11.20
CA ASP D 177 -23.31 -9.38 -12.27
C ASP D 177 -21.94 -9.76 -11.72
N PHE D 178 -21.45 -9.04 -10.71
CA PHE D 178 -20.11 -9.25 -10.17
C PHE D 178 -20.18 -9.39 -8.66
N VAL D 179 -19.65 -10.49 -8.14
CA VAL D 179 -19.78 -10.84 -6.73
C VAL D 179 -18.37 -11.04 -6.16
N GLY D 180 -18.05 -10.25 -5.14
CA GLY D 180 -16.83 -10.50 -4.39
C GLY D 180 -16.90 -11.81 -3.65
N PHE D 181 -17.72 -11.85 -2.61
CA PHE D 181 -17.83 -13.01 -1.73
C PHE D 181 -19.30 -13.36 -1.54
N GLU D 182 -19.55 -14.66 -1.40
CA GLU D 182 -20.87 -15.18 -1.03
C GLU D 182 -20.72 -15.77 0.37
N ILE D 183 -21.40 -15.19 1.35
CA ILE D 183 -21.13 -15.51 2.75
C ILE D 183 -22.38 -16.08 3.37
N PRO D 184 -22.24 -16.85 4.44
CA PRO D 184 -23.41 -17.34 5.19
C PRO D 184 -24.21 -16.20 5.78
N ASP D 185 -25.42 -16.54 6.23
CA ASP D 185 -26.37 -15.58 6.79
C ASP D 185 -25.97 -15.26 8.22
N LYS D 186 -24.98 -14.38 8.34
CA LYS D 186 -24.55 -13.88 9.64
C LYS D 186 -24.36 -12.37 9.53
N PHE D 187 -24.56 -11.68 10.65
CA PHE D 187 -24.42 -10.23 10.66
C PHE D 187 -22.94 -9.89 10.71
N VAL D 188 -22.43 -9.26 9.65
CA VAL D 188 -21.01 -9.01 9.52
C VAL D 188 -20.73 -7.52 9.62
N VAL D 189 -19.50 -7.20 10.03
CA VAL D 189 -19.04 -5.83 10.20
C VAL D 189 -17.58 -5.76 9.78
N GLY D 190 -17.08 -4.54 9.70
CA GLY D 190 -15.71 -4.30 9.27
C GLY D 190 -15.61 -4.08 7.77
N TYR D 191 -14.63 -3.27 7.37
CA TYR D 191 -14.46 -2.88 5.98
C TYR D 191 -15.78 -2.41 5.37
N ALA D 192 -16.05 -1.11 5.36
CA ALA D 192 -17.19 -0.61 4.60
C ALA D 192 -18.53 -0.85 5.28
N LEU D 193 -18.59 -1.80 6.20
CA LEU D 193 -19.84 -2.22 6.86
C LEU D 193 -19.84 -1.74 8.31
N ASP D 194 -20.38 -0.55 8.54
CA ASP D 194 -20.53 -0.06 9.91
C ASP D 194 -21.70 -0.75 10.60
N TYR D 195 -21.91 -0.41 11.87
CA TYR D 195 -23.07 -0.84 12.64
C TYR D 195 -23.39 0.30 13.61
N ASN D 196 -24.38 1.12 13.26
CA ASN D 196 -24.71 2.31 14.03
C ASN D 196 -23.48 3.21 14.19
N GLU D 197 -22.74 3.37 13.11
CA GLU D 197 -21.59 4.26 12.98
C GLU D 197 -20.33 3.68 13.64
N TYR D 198 -20.38 2.50 14.24
CA TYR D 198 -19.19 1.87 14.77
C TYR D 198 -18.63 0.86 13.77
N PHE D 199 -17.40 0.43 14.02
CA PHE D 199 -16.71 -0.63 13.27
C PHE D 199 -16.09 -0.14 11.95
N ARG D 200 -16.11 1.15 11.65
CA ARG D 200 -15.50 1.55 10.40
C ARG D 200 -13.98 1.63 10.47
N ASP D 201 -13.41 1.55 11.68
CA ASP D 201 -11.96 1.39 11.84
C ASP D 201 -11.54 -0.07 11.84
N LEU D 202 -12.49 -0.98 11.73
CA LEU D 202 -12.19 -2.40 11.55
C LEU D 202 -12.09 -2.66 10.05
N ASN D 203 -10.96 -3.22 9.62
CA ASN D 203 -10.71 -3.43 8.20
C ASN D 203 -10.96 -4.87 7.75
N HIS D 204 -11.14 -5.81 8.67
CA HIS D 204 -11.53 -7.18 8.36
C HIS D 204 -13.04 -7.34 8.46
N VAL D 205 -13.59 -8.23 7.64
CA VAL D 205 -15.00 -8.55 7.71
C VAL D 205 -15.17 -9.67 8.74
N ALA D 206 -15.76 -9.32 9.88
CA ALA D 206 -15.93 -10.22 11.01
C ALA D 206 -17.42 -10.44 11.25
N VAL D 207 -17.73 -11.45 12.04
CA VAL D 207 -19.09 -11.70 12.50
C VAL D 207 -19.24 -11.08 13.88
N ILE D 208 -20.26 -10.24 14.04
CA ILE D 208 -20.43 -9.51 15.28
C ILE D 208 -20.92 -10.46 16.37
N SER D 209 -20.44 -10.25 17.58
CA SER D 209 -20.89 -11.04 18.72
C SER D 209 -22.09 -10.39 19.40
N GLU D 210 -22.89 -11.20 20.07
CA GLU D 210 -24.03 -10.67 20.82
C GLU D 210 -23.60 -9.55 21.75
N THR D 211 -22.44 -9.71 22.39
CA THR D 211 -21.93 -8.63 23.25
C THR D 211 -21.76 -7.34 22.48
N GLY D 212 -21.19 -7.42 21.27
CA GLY D 212 -21.05 -6.23 20.45
C GLY D 212 -22.38 -5.76 19.88
N LYS D 213 -23.23 -6.72 19.49
CA LYS D 213 -24.54 -6.39 18.94
C LYS D 213 -25.33 -5.51 19.90
N ALA D 214 -25.28 -5.82 21.19
CA ALA D 214 -25.99 -5.02 22.18
C ALA D 214 -25.18 -3.83 22.67
N LYS D 215 -23.85 -3.86 22.49
CA LYS D 215 -23.02 -2.78 23.02
C LYS D 215 -23.18 -1.50 22.20
N TYR D 216 -23.25 -1.60 20.87
CA TYR D 216 -23.34 -0.45 20.00
C TYR D 216 -24.76 -0.23 19.46
N LYS D 217 -25.74 -0.92 20.04
CA LYS D 217 -27.12 -0.79 19.59
C LYS D 217 -27.58 0.66 19.67
N ALA D 218 -28.65 0.96 18.93
CA ALA D 218 -29.25 2.29 18.94
C ALA D 218 -30.70 2.21 19.42
C10 JG6 E . -12.72 24.06 -11.18
C15 JG6 E . -9.25 24.16 -10.87
C22 JG6 E . -13.57 25.31 -11.46
C24 JG6 E . -15.77 25.61 -10.66
C05 JG6 E . -13.94 25.89 -5.87
C06 JG6 E . -14.87 25.60 -7.06
C07 JG6 E . -14.14 24.43 -7.83
C09 JG6 E . -13.35 23.42 -9.90
C12 JG6 E . -10.87 25.52 -10.49
C14 JG6 E . -10.42 23.51 -11.19
C16 JG6 E . -7.91 23.43 -11.04
C18 JG6 E . -9.13 21.42 -11.85
C23 JG6 E . -14.28 25.58 -10.35
N08 JG6 E . -13.91 24.43 -9.28
N11 JG6 E . -11.40 24.36 -10.95
N13 JG6 E . -9.56 25.39 -10.45
N17 JG6 E . -7.89 22.08 -11.53
N19 JG6 E . -9.10 20.03 -12.35
N20 JG6 E . -10.41 22.11 -11.69
O01 JG6 E . -13.59 28.62 -6.57
O03 JG6 E . -15.55 27.95 -5.12
O04 JG6 E . -13.22 27.99 -4.20
O21 JG6 E . -6.88 23.99 -10.76
O25 JG6 E . -16.49 24.56 -10.09
O26 JG6 E . -13.77 23.44 -7.23
P02 JG6 E . -14.07 27.72 -5.41
H101 JG6 E . -12.79 23.40 -12.01
H222 JG6 E . -14.22 25.12 -12.25
H221 JG6 E . -12.95 26.11 -11.69
H241 JG6 E . -15.89 25.57 -11.71
H242 JG6 E . -16.17 26.53 -10.30
H051 JG6 E . -14.23 25.31 -5.05
H052 JG6 E . -12.95 25.67 -6.14
H061 JG6 E . -14.98 26.50 -7.73
H062 JG6 E . -15.88 25.27 -6.72
H091 JG6 E . -14.10 22.65 -10.18
H092 JG6 E . -12.55 22.97 -9.26
H121 JG6 E . -11.45 26.43 -10.20
H231 JG6 E . -13.97 26.53 -9.94
H171 JG6 E . -7.03 21.60 -11.64
H192 JG6 E . -8.17 19.52 -12.47
H191 JG6 E . -9.97 19.57 -12.58
H251 JG6 E . -16.41 23.81 -10.70
MG MG F . -14.34 19.83 -5.06
C10 JG6 G . 13.04 -26.22 -2.03
C15 JG6 G . 9.56 -26.30 -1.57
C22 JG6 G . 13.97 -27.43 -1.82
C24 JG6 G . 16.09 -27.25 -0.73
C05 JG6 G . 13.93 -26.14 3.69
C06 JG6 G . 14.83 -26.24 2.45
C07 JG6 G . 14.17 -25.33 1.34
C09 JG6 G . 13.64 -25.11 -1.10
C12 JG6 G . 11.26 -27.38 -0.78
C14 JG6 G . 10.70 -25.80 -2.14
C16 JG6 G . 8.18 -25.70 -1.94
C18 JG6 G . 9.32 -24.12 -3.48
C23 JG6 G . 14.57 -27.23 -0.64
N08 JG6 G . 14.10 -25.79 -0.08
N11 JG6 G . 11.74 -26.47 -1.66
N13 JG6 G . 9.94 -27.29 -0.73
N17 JG6 G . 8.12 -24.63 -2.89
N19 JG6 G . 9.23 -23.00 -4.45
N20 JG6 G . 10.63 -24.68 -3.13
O01 JG6 G . 13.60 -28.94 3.84
O03 JG6 G . 15.56 -27.90 5.02
O04 JG6 G . 13.25 -27.60 5.93
O21 JG6 G . 7.17 -26.11 -1.46
O25 JG6 G . 16.58 -28.51 -1.07
O26 JG6 G . 13.77 -24.22 1.63
P02 JG6 G . 14.07 -27.73 4.67
H101 JG6 G . 13.05 -25.96 -3.06
H222 JG6 G . 14.68 -27.46 -2.58
H221 JG6 G . 13.41 -28.30 -1.79
H241 JG6 G . 16.50 -26.96 0.21
H242 JG6 G . 16.40 -26.55 -1.47
H051 JG6 G . 14.22 -25.32 4.28
H052 JG6 G . 12.93 -26.00 3.39
H061 JG6 G . 14.88 -27.30 2.09
H062 JG6 G . 15.86 -25.87 2.70
H091 JG6 G . 14.46 -24.56 -1.63
H092 JG6 G . 12.84 -24.40 -0.79
H121 JG6 G . 11.88 -28.12 -0.20
H231 JG6 G . 14.23 -28.02 0.01
H171 JG6 G . 7.25 -24.25 -3.14
H192 JG6 G . 8.27 -22.61 -4.71
H191 JG6 G . 10.07 -22.64 -4.88
H251 JG6 G . 16.11 -29.16 -0.52
MG MG H . 14.38 -20.53 2.46
C10 JG6 I . 28.30 6.32 6.10
C15 JG6 I . 26.27 9.00 5.16
C22 JG6 I . 29.84 6.38 6.15
C24 JG6 I . 31.34 4.74 5.42
C05 JG6 I . 29.66 4.97 0.67
C06 JG6 I . 30.17 4.38 1.99
C07 JG6 I . 28.93 4.45 3.00
C09 JG6 I . 28.01 5.07 5.20
C12 JG6 I . 28.29 8.37 4.72
C14 JG6 I . 26.51 7.83 5.82
C16 JG6 I . 24.89 9.67 5.29
C18 JG6 I . 24.15 7.83 6.80
C23 JG6 I . 30.29 5.77 5.05
N08 JG6 I . 29.02 5.05 4.36
N11 JG6 I . 27.75 7.45 5.55
N13 JG6 I . 27.40 9.31 4.48
N17 JG6 I . 23.88 9.05 6.11
N19 JG6 I . 23.10 7.21 7.65
N20 JG6 I . 25.46 7.19 6.67
O01 JG6 I . 31.63 7.03 0.35
O03 JG6 I . 32.15 4.70 -0.43
O04 JG6 I . 30.55 6.12 -1.70
O21 JG6 I . 24.66 10.69 4.71
O25 JG6 I . 30.91 3.42 5.19
O26 JG6 I . 27.86 3.97 2.68
P02 JG6 I . 31.05 5.76 -0.33
H101 JG6 I . 27.90 6.19 7.07
H222 JG6 I . 30.18 5.89 7.00
H221 JG6 I . 30.15 7.38 6.16
H241 JG6 I . 31.57 4.84 6.45
H242 JG6 I . 32.21 4.92 4.84
H051 JG6 I . 29.22 4.22 0.10
H052 JG6 I . 28.95 5.72 0.88
H061 JG6 I . 31.02 4.96 2.40
H062 JG6 I . 30.48 3.31 1.84
H091 JG6 I . 28.00 4.14 5.82
H092 JG6 I . 27.04 5.19 4.66
H121 JG6 I . 29.34 8.35 4.31
H231 JG6 I . 30.69 6.50 4.37
H171 JG6 I . 22.99 9.48 6.19
H192 JG6 I . 22.14 7.67 7.73
H191 JG6 I . 23.29 6.36 8.13
H251 JG6 I . 30.44 3.14 5.99
MG MG J . 25.02 1.12 1.58
C10 JG6 K . -28.26 -3.73 7.13
C15 JG6 K . -26.33 -6.62 7.33
C22 JG6 K . -29.79 -3.76 7.20
C24 JG6 K . -30.85 -1.90 6.16
C05 JG6 K . -29.76 -4.16 1.50
C06 JG6 K . -30.23 -3.34 2.72
C07 JG6 K . -28.92 -3.15 3.60
C09 JG6 K . -27.93 -2.90 5.84
C12 JG6 K . -28.28 -6.14 6.56
C14 JG6 K . -26.54 -5.29 7.52
C16 JG6 K . -25.00 -7.26 7.78
C18 JG6 K . -24.24 -5.03 8.59
C23 JG6 K . -30.24 -3.30 6.03
N08 JG6 K . -28.97 -3.11 5.08
N11 JG6 K . -27.73 -5.00 7.06
N13 JG6 K . -27.42 -7.13 6.73
N17 JG6 K . -24.00 -6.44 8.39
N19 JG6 K . -23.21 -4.18 9.23
N20 JG6 K . -25.51 -4.43 8.16
O01 JG6 K . -32.19 -4.72 0.29
O03 JG6 K . -31.43 -6.34 2.09
O04 JG6 K . -30.36 -6.34 -0.14
O21 JG6 K . -24.79 -8.43 7.61
O25 JG6 K . -31.40 -1.47 4.95
O26 JG6 K . -27.83 -2.98 3.09
P02 JG6 K . -30.99 -5.47 0.91
H101 JG6 K . -27.86 -3.23 7.98
H222 JG6 K . -30.12 -3.15 7.98
H221 JG6 K . -30.11 -4.74 7.34
H241 JG6 K . -30.09 -1.23 6.47
H242 JG6 K . -31.61 -1.93 6.90
H051 JG6 K . -29.59 -3.49 0.70
H052 JG6 K . -28.87 -4.65 1.75
H061 JG6 K . -31.02 -3.89 3.29
H062 JG6 K . -30.64 -2.35 2.40
H091 JG6 K . -27.82 -1.82 6.09
H092 JG6 K . -27.00 -3.28 5.36
H121 JG6 K . -29.29 -6.22 6.10
H231 JG6 K . -30.95 -4.01 5.66
H171 JG6 K . -23.14 -6.83 8.69
H192 JG6 K . -22.28 -4.61 9.54
H191 JG6 K . -23.39 -3.20 9.36
H251 JG6 K . -31.95 -2.18 4.58
MG MG L . -24.72 -0.20 0.89
#